data_175D
# 
_entry.id   175D 
# 
_audit_conform.dict_name       mmcif_pdbx.dic 
_audit_conform.dict_version    5.392 
_audit_conform.dict_location   http://mmcif.pdb.org/dictionaries/ascii/mmcif_pdbx.dic 
# 
loop_
_database_2.database_id 
_database_2.database_code 
_database_2.pdbx_database_accession 
_database_2.pdbx_DOI 
PDB   175D         pdb_0000175d 10.2210/pdb175d/pdb 
WWPDB D_1000170167 ?            ?                   
# 
loop_
_pdbx_audit_revision_history.ordinal 
_pdbx_audit_revision_history.data_content_type 
_pdbx_audit_revision_history.major_revision 
_pdbx_audit_revision_history.minor_revision 
_pdbx_audit_revision_history.revision_date 
1 'Structure model' 1 0 1994-09-30 
2 'Structure model' 1 1 2008-03-24 
3 'Structure model' 1 2 2011-07-13 
4 'Structure model' 1 3 2022-02-16 
5 'Structure model' 1 4 2024-05-22 
# 
_pdbx_audit_revision_details.ordinal             1 
_pdbx_audit_revision_details.revision_ordinal    1 
_pdbx_audit_revision_details.data_content_type   'Structure model' 
_pdbx_audit_revision_details.provider            repository 
_pdbx_audit_revision_details.type                'Initial release' 
_pdbx_audit_revision_details.description         ? 
_pdbx_audit_revision_details.details             ? 
# 
loop_
_pdbx_audit_revision_group.ordinal 
_pdbx_audit_revision_group.revision_ordinal 
_pdbx_audit_revision_group.data_content_type 
_pdbx_audit_revision_group.group 
1 2 'Structure model' 'Version format compliance' 
2 3 'Structure model' 'Version format compliance' 
3 4 'Structure model' 'Database references'       
4 4 'Structure model' 'Derived calculations'      
5 4 'Structure model' Other                       
6 5 'Structure model' 'Data collection'           
# 
loop_
_pdbx_audit_revision_category.ordinal 
_pdbx_audit_revision_category.revision_ordinal 
_pdbx_audit_revision_category.data_content_type 
_pdbx_audit_revision_category.category 
1 4 'Structure model' database_2            
2 4 'Structure model' pdbx_database_status  
3 4 'Structure model' pdbx_struct_assembly  
4 4 'Structure model' pdbx_struct_oper_list 
5 5 'Structure model' chem_comp_atom        
6 5 'Structure model' chem_comp_bond        
# 
loop_
_pdbx_audit_revision_item.ordinal 
_pdbx_audit_revision_item.revision_ordinal 
_pdbx_audit_revision_item.data_content_type 
_pdbx_audit_revision_item.item 
1 4 'Structure model' '_database_2.pdbx_DOI'                
2 4 'Structure model' '_database_2.pdbx_database_accession' 
3 4 'Structure model' '_pdbx_database_status.process_site'  
# 
_pdbx_database_status.status_code                     REL 
_pdbx_database_status.entry_id                        175D 
_pdbx_database_status.recvd_initial_deposition_date   1994-04-29 
_pdbx_database_status.deposit_site                    ? 
_pdbx_database_status.process_site                    BNL 
_pdbx_database_status.SG_entry                        . 
_pdbx_database_status.status_code_sf                  ? 
_pdbx_database_status.status_code_mr                  ? 
_pdbx_database_status.pdb_format_compatible           Y 
_pdbx_database_status.status_code_cs                  ? 
_pdbx_database_status.status_code_nmr_data            ? 
_pdbx_database_status.methods_development_category    ? 
# 
loop_
_audit_author.name 
_audit_author.pdbx_ordinal 
'Chou, S.-H.'  1 
'Cheng, J.-W.' 2 
'Fedoroff, O.' 3 
'Reid, B.R.'   4 
# 
_citation.id                        primary 
_citation.title                     
;DNA sequence GCGAATGAGC containing the human centromere core sequence GAAT forms a self-complementary duplex with sheared G.A pairs in solution.
;
_citation.journal_abbrev            J.Mol.Biol. 
_citation.journal_volume            241 
_citation.page_first                467 
_citation.page_last                 479 
_citation.year                      1994 
_citation.journal_id_ASTM           JMOBAK 
_citation.country                   UK 
_citation.journal_id_ISSN           0022-2836 
_citation.journal_id_CSD            0070 
_citation.book_publisher            ? 
_citation.pdbx_database_id_PubMed   8064859 
_citation.pdbx_database_id_DOI      10.1006/jmbi.1994.1521 
# 
loop_
_citation_author.citation_id 
_citation_author.name 
_citation_author.ordinal 
_citation_author.identifier_ORCID 
primary 'Chou, S.H.'   1 ? 
primary 'Cheng, J.W.'  2 ? 
primary 'Fedoroff, O.' 3 ? 
primary 'Reid, B.R.'   4 ? 
# 
_entity.id                         1 
_entity.type                       polymer 
_entity.src_method                 syn 
_entity.pdbx_description           
;DNA (5'-D(*GP*CP*GP*AP*AP*TP*GP*AP*GP*C)-3')
;
_entity.formula_weight             3094.043 
_entity.pdbx_number_of_molecules   2 
_entity.pdbx_ec                    ? 
_entity.pdbx_mutation              ? 
_entity.pdbx_fragment              ? 
_entity.details                    ? 
# 
_entity_keywords.entity_id   1 
_entity_keywords.text        'DEOXYRIBONUCLEIC ACID' 
# 
_entity_poly.entity_id                      1 
_entity_poly.type                           polydeoxyribonucleotide 
_entity_poly.nstd_linkage                   no 
_entity_poly.nstd_monomer                   no 
_entity_poly.pdbx_seq_one_letter_code       '(DG)(DC)(DG)(DA)(DA)(DT)(DG)(DA)(DG)(DC)' 
_entity_poly.pdbx_seq_one_letter_code_can   GCGAATGAGC 
_entity_poly.pdbx_strand_id                 A,B 
_entity_poly.pdbx_target_identifier         ? 
# 
loop_
_entity_poly_seq.entity_id 
_entity_poly_seq.num 
_entity_poly_seq.mon_id 
_entity_poly_seq.hetero 
1 1  DG n 
1 2  DC n 
1 3  DG n 
1 4  DA n 
1 5  DA n 
1 6  DT n 
1 7  DG n 
1 8  DA n 
1 9  DG n 
1 10 DC n 
# 
_pdbx_entity_src_syn.entity_id              1 
_pdbx_entity_src_syn.pdbx_src_id            1 
_pdbx_entity_src_syn.pdbx_alt_source_flag   sample 
_pdbx_entity_src_syn.pdbx_beg_seq_num       ? 
_pdbx_entity_src_syn.pdbx_end_seq_num       ? 
_pdbx_entity_src_syn.organism_scientific    ? 
_pdbx_entity_src_syn.organism_common_name   ? 
_pdbx_entity_src_syn.ncbi_taxonomy_id       ? 
_pdbx_entity_src_syn.details                'CHEMICALLY SYNTHESIZED' 
# 
loop_
_chem_comp.id 
_chem_comp.type 
_chem_comp.mon_nstd_flag 
_chem_comp.name 
_chem_comp.pdbx_synonyms 
_chem_comp.formula 
_chem_comp.formula_weight 
DA 'DNA linking' y "2'-DEOXYADENOSINE-5'-MONOPHOSPHATE" ? 'C10 H14 N5 O6 P' 331.222 
DC 'DNA linking' y "2'-DEOXYCYTIDINE-5'-MONOPHOSPHATE"  ? 'C9 H14 N3 O7 P'  307.197 
DG 'DNA linking' y "2'-DEOXYGUANOSINE-5'-MONOPHOSPHATE" ? 'C10 H14 N5 O7 P' 347.221 
DT 'DNA linking' y "THYMIDINE-5'-MONOPHOSPHATE"         ? 'C10 H15 N2 O8 P' 322.208 
# 
loop_
_pdbx_poly_seq_scheme.asym_id 
_pdbx_poly_seq_scheme.entity_id 
_pdbx_poly_seq_scheme.seq_id 
_pdbx_poly_seq_scheme.mon_id 
_pdbx_poly_seq_scheme.ndb_seq_num 
_pdbx_poly_seq_scheme.pdb_seq_num 
_pdbx_poly_seq_scheme.auth_seq_num 
_pdbx_poly_seq_scheme.pdb_mon_id 
_pdbx_poly_seq_scheme.auth_mon_id 
_pdbx_poly_seq_scheme.pdb_strand_id 
_pdbx_poly_seq_scheme.pdb_ins_code 
_pdbx_poly_seq_scheme.hetero 
A 1 1  DG 1  1  1  DG G A . n 
A 1 2  DC 2  2  2  DC C A . n 
A 1 3  DG 3  3  3  DG G A . n 
A 1 4  DA 4  4  4  DA A A . n 
A 1 5  DA 5  5  5  DA A A . n 
A 1 6  DT 6  6  6  DT T A . n 
A 1 7  DG 7  7  7  DG G A . n 
A 1 8  DA 8  8  8  DA A A . n 
A 1 9  DG 9  9  9  DG G A . n 
A 1 10 DC 10 10 10 DC C A . n 
B 1 1  DG 1  11 11 DG G B . n 
B 1 2  DC 2  12 12 DC C B . n 
B 1 3  DG 3  13 13 DG G B . n 
B 1 4  DA 4  14 14 DA A B . n 
B 1 5  DA 5  15 15 DA A B . n 
B 1 6  DT 6  16 16 DT T B . n 
B 1 7  DG 7  17 17 DG G B . n 
B 1 8  DA 8  18 18 DA A B . n 
B 1 9  DG 9  19 19 DG G B . n 
B 1 10 DC 10 20 20 DC C B . n 
# 
_cell.entry_id           175D 
_cell.length_a           1.000 
_cell.length_b           1.000 
_cell.length_c           1.000 
_cell.angle_alpha        90.00 
_cell.angle_beta         90.00 
_cell.angle_gamma        90.00 
_cell.Z_PDB              1 
_cell.pdbx_unique_axis   ? 
# 
_symmetry.entry_id                         175D 
_symmetry.space_group_name_H-M             'P 1' 
_symmetry.pdbx_full_space_group_name_H-M   ? 
_symmetry.cell_setting                     ? 
_symmetry.Int_Tables_number                1 
# 
_exptl.entry_id          175D 
_exptl.method            'SOLUTION NMR' 
_exptl.crystals_number   ? 
# 
_struct.entry_id                  175D 
_struct.title                     
;THE DNA SEQUENCE GCGAATGAGC CONTAINING THE HUMAN CENTROMERE CORE SEQUENCE GAAT FORMS A SELF-COMPLEMENTARY DUPLEX WITH SHEARED G:A PAIRS IN SOLUTION
;
_struct.pdbx_model_details        ? 
_struct.pdbx_CASP_flag            ? 
_struct.pdbx_model_type_details   ? 
# 
_struct_keywords.entry_id        175D 
_struct_keywords.pdbx_keywords   DNA 
_struct_keywords.text            'DNA, DOUBLE HELIX, SHEARED G:A PAIRS' 
# 
loop_
_struct_asym.id 
_struct_asym.pdbx_blank_PDB_chainid_flag 
_struct_asym.pdbx_modified 
_struct_asym.entity_id 
_struct_asym.details 
A N N 1 ? 
B N N 1 ? 
# 
_struct_ref.id                         1 
_struct_ref.entity_id                  1 
_struct_ref.db_name                    PDB 
_struct_ref.db_code                    175D 
_struct_ref.pdbx_db_accession          175D 
_struct_ref.pdbx_align_begin           ? 
_struct_ref.pdbx_seq_one_letter_code   ? 
_struct_ref.pdbx_db_isoform            ? 
# 
loop_
_struct_ref_seq.align_id 
_struct_ref_seq.ref_id 
_struct_ref_seq.pdbx_PDB_id_code 
_struct_ref_seq.pdbx_strand_id 
_struct_ref_seq.seq_align_beg 
_struct_ref_seq.pdbx_seq_align_beg_ins_code 
_struct_ref_seq.seq_align_end 
_struct_ref_seq.pdbx_seq_align_end_ins_code 
_struct_ref_seq.pdbx_db_accession 
_struct_ref_seq.db_align_beg 
_struct_ref_seq.pdbx_db_align_beg_ins_code 
_struct_ref_seq.db_align_end 
_struct_ref_seq.pdbx_db_align_end_ins_code 
_struct_ref_seq.pdbx_auth_seq_align_beg 
_struct_ref_seq.pdbx_auth_seq_align_end 
1 1 175D A 1 ? 10 ? 175D 1  ? 10 ? 1  10 
2 1 175D B 1 ? 10 ? 175D 11 ? 20 ? 11 20 
# 
_pdbx_struct_assembly.id                   1 
_pdbx_struct_assembly.details              author_defined_assembly 
_pdbx_struct_assembly.method_details       ? 
_pdbx_struct_assembly.oligomeric_details   dimeric 
_pdbx_struct_assembly.oligomeric_count     2 
# 
_pdbx_struct_assembly_gen.assembly_id       1 
_pdbx_struct_assembly_gen.oper_expression   1 
_pdbx_struct_assembly_gen.asym_id_list      A,B 
# 
_pdbx_struct_oper_list.id                   1 
_pdbx_struct_oper_list.type                 'identity operation' 
_pdbx_struct_oper_list.name                 1_555 
_pdbx_struct_oper_list.symmetry_operation   x,y,z 
_pdbx_struct_oper_list.matrix[1][1]         1.0000000000 
_pdbx_struct_oper_list.matrix[1][2]         0.0000000000 
_pdbx_struct_oper_list.matrix[1][3]         0.0000000000 
_pdbx_struct_oper_list.vector[1]            0.0000000000 
_pdbx_struct_oper_list.matrix[2][1]         0.0000000000 
_pdbx_struct_oper_list.matrix[2][2]         1.0000000000 
_pdbx_struct_oper_list.matrix[2][3]         0.0000000000 
_pdbx_struct_oper_list.vector[2]            0.0000000000 
_pdbx_struct_oper_list.matrix[3][1]         0.0000000000 
_pdbx_struct_oper_list.matrix[3][2]         0.0000000000 
_pdbx_struct_oper_list.matrix[3][3]         1.0000000000 
_pdbx_struct_oper_list.vector[3]            0.0000000000 
# 
_struct_biol.id        1 
_struct_biol.details   ? 
# 
loop_
_struct_conn.id 
_struct_conn.conn_type_id 
_struct_conn.pdbx_leaving_atom_flag 
_struct_conn.pdbx_PDB_id 
_struct_conn.ptnr1_label_asym_id 
_struct_conn.ptnr1_label_comp_id 
_struct_conn.ptnr1_label_seq_id 
_struct_conn.ptnr1_label_atom_id 
_struct_conn.pdbx_ptnr1_label_alt_id 
_struct_conn.pdbx_ptnr1_PDB_ins_code 
_struct_conn.pdbx_ptnr1_standard_comp_id 
_struct_conn.ptnr1_symmetry 
_struct_conn.ptnr2_label_asym_id 
_struct_conn.ptnr2_label_comp_id 
_struct_conn.ptnr2_label_seq_id 
_struct_conn.ptnr2_label_atom_id 
_struct_conn.pdbx_ptnr2_label_alt_id 
_struct_conn.pdbx_ptnr2_PDB_ins_code 
_struct_conn.ptnr1_auth_asym_id 
_struct_conn.ptnr1_auth_comp_id 
_struct_conn.ptnr1_auth_seq_id 
_struct_conn.ptnr2_auth_asym_id 
_struct_conn.ptnr2_auth_comp_id 
_struct_conn.ptnr2_auth_seq_id 
_struct_conn.ptnr2_symmetry 
_struct_conn.pdbx_ptnr3_label_atom_id 
_struct_conn.pdbx_ptnr3_label_seq_id 
_struct_conn.pdbx_ptnr3_label_comp_id 
_struct_conn.pdbx_ptnr3_label_asym_id 
_struct_conn.pdbx_ptnr3_label_alt_id 
_struct_conn.pdbx_ptnr3_PDB_ins_code 
_struct_conn.details 
_struct_conn.pdbx_dist_value 
_struct_conn.pdbx_value_order 
_struct_conn.pdbx_role 
hydrog1  hydrog ? ? A DG 1  N1 ? ? ? 1_555 B DC 10 N3 ? ? A DG 1  B DC 20 1_555 ? ? ? ? ? ? WATSON-CRICK ? ? ? 
hydrog2  hydrog ? ? A DG 1  N2 ? ? ? 1_555 B DC 10 O2 ? ? A DG 1  B DC 20 1_555 ? ? ? ? ? ? WATSON-CRICK ? ? ? 
hydrog3  hydrog ? ? A DG 1  O6 ? ? ? 1_555 B DC 10 N4 ? ? A DG 1  B DC 20 1_555 ? ? ? ? ? ? WATSON-CRICK ? ? ? 
hydrog4  hydrog ? ? A DC 2  N3 ? ? ? 1_555 B DG 9  N1 ? ? A DC 2  B DG 19 1_555 ? ? ? ? ? ? WATSON-CRICK ? ? ? 
hydrog5  hydrog ? ? A DC 2  N4 ? ? ? 1_555 B DG 9  O6 ? ? A DC 2  B DG 19 1_555 ? ? ? ? ? ? WATSON-CRICK ? ? ? 
hydrog6  hydrog ? ? A DC 2  O2 ? ? ? 1_555 B DG 9  N2 ? ? A DC 2  B DG 19 1_555 ? ? ? ? ? ? WATSON-CRICK ? ? ? 
hydrog7  hydrog ? ? A DG 3  N2 ? ? ? 1_555 B DA 8  N7 ? ? A DG 3  B DA 18 1_555 ? ? ? ? ? ? TYPE_11_PAIR ? ? ? 
hydrog8  hydrog ? ? A DG 3  N3 ? ? ? 1_555 B DA 8  N6 ? ? A DG 3  B DA 18 1_555 ? ? ? ? ? ? TYPE_11_PAIR ? ? ? 
hydrog9  hydrog ? ? A DA 4  N6 ? ? ? 1_555 B DG 7  N3 ? ? A DA 4  B DG 17 1_555 ? ? ? ? ? ? TYPE_11_PAIR ? ? ? 
hydrog10 hydrog ? ? A DA 4  N7 ? ? ? 1_555 B DG 7  N2 ? ? A DA 4  B DG 17 1_555 ? ? ? ? ? ? TYPE_11_PAIR ? ? ? 
hydrog11 hydrog ? ? A DA 5  N1 ? ? ? 1_555 B DT 6  N3 ? ? A DA 5  B DT 16 1_555 ? ? ? ? ? ? WATSON-CRICK ? ? ? 
hydrog12 hydrog ? ? A DA 5  N6 ? ? ? 1_555 B DT 6  O4 ? ? A DA 5  B DT 16 1_555 ? ? ? ? ? ? WATSON-CRICK ? ? ? 
hydrog13 hydrog ? ? A DT 6  N3 ? ? ? 1_555 B DA 5  N1 ? ? A DT 6  B DA 15 1_555 ? ? ? ? ? ? WATSON-CRICK ? ? ? 
hydrog14 hydrog ? ? A DT 6  O4 ? ? ? 1_555 B DA 5  N6 ? ? A DT 6  B DA 15 1_555 ? ? ? ? ? ? WATSON-CRICK ? ? ? 
hydrog15 hydrog ? ? A DG 7  N2 ? ? ? 1_555 B DA 4  N7 ? ? A DG 7  B DA 14 1_555 ? ? ? ? ? ? TYPE_11_PAIR ? ? ? 
hydrog16 hydrog ? ? A DG 7  N3 ? ? ? 1_555 B DA 4  N6 ? ? A DG 7  B DA 14 1_555 ? ? ? ? ? ? TYPE_11_PAIR ? ? ? 
hydrog17 hydrog ? ? A DA 8  N6 ? ? ? 1_555 B DG 3  N3 ? ? A DA 8  B DG 13 1_555 ? ? ? ? ? ? TYPE_11_PAIR ? ? ? 
hydrog18 hydrog ? ? A DA 8  N7 ? ? ? 1_555 B DG 3  N2 ? ? A DA 8  B DG 13 1_555 ? ? ? ? ? ? TYPE_11_PAIR ? ? ? 
hydrog19 hydrog ? ? A DG 9  N1 ? ? ? 1_555 B DC 2  N3 ? ? A DG 9  B DC 12 1_555 ? ? ? ? ? ? WATSON-CRICK ? ? ? 
hydrog20 hydrog ? ? A DG 9  N2 ? ? ? 1_555 B DC 2  O2 ? ? A DG 9  B DC 12 1_555 ? ? ? ? ? ? WATSON-CRICK ? ? ? 
hydrog21 hydrog ? ? A DG 9  O6 ? ? ? 1_555 B DC 2  N4 ? ? A DG 9  B DC 12 1_555 ? ? ? ? ? ? WATSON-CRICK ? ? ? 
hydrog22 hydrog ? ? A DC 10 N3 ? ? ? 1_555 B DG 1  N1 ? ? A DC 10 B DG 11 1_555 ? ? ? ? ? ? WATSON-CRICK ? ? ? 
hydrog23 hydrog ? ? A DC 10 N4 ? ? ? 1_555 B DG 1  O6 ? ? A DC 10 B DG 11 1_555 ? ? ? ? ? ? WATSON-CRICK ? ? ? 
hydrog24 hydrog ? ? A DC 10 O2 ? ? ? 1_555 B DG 1  N2 ? ? A DC 10 B DG 11 1_555 ? ? ? ? ? ? WATSON-CRICK ? ? ? 
# 
_struct_conn_type.id          hydrog 
_struct_conn_type.criteria    ? 
_struct_conn_type.reference   ? 
# 
loop_
_pdbx_validate_rmsd_angle.id 
_pdbx_validate_rmsd_angle.PDB_model_num 
_pdbx_validate_rmsd_angle.auth_atom_id_1 
_pdbx_validate_rmsd_angle.auth_asym_id_1 
_pdbx_validate_rmsd_angle.auth_comp_id_1 
_pdbx_validate_rmsd_angle.auth_seq_id_1 
_pdbx_validate_rmsd_angle.PDB_ins_code_1 
_pdbx_validate_rmsd_angle.label_alt_id_1 
_pdbx_validate_rmsd_angle.auth_atom_id_2 
_pdbx_validate_rmsd_angle.auth_asym_id_2 
_pdbx_validate_rmsd_angle.auth_comp_id_2 
_pdbx_validate_rmsd_angle.auth_seq_id_2 
_pdbx_validate_rmsd_angle.PDB_ins_code_2 
_pdbx_validate_rmsd_angle.label_alt_id_2 
_pdbx_validate_rmsd_angle.auth_atom_id_3 
_pdbx_validate_rmsd_angle.auth_asym_id_3 
_pdbx_validate_rmsd_angle.auth_comp_id_3 
_pdbx_validate_rmsd_angle.auth_seq_id_3 
_pdbx_validate_rmsd_angle.PDB_ins_code_3 
_pdbx_validate_rmsd_angle.label_alt_id_3 
_pdbx_validate_rmsd_angle.angle_value 
_pdbx_validate_rmsd_angle.angle_target_value 
_pdbx_validate_rmsd_angle.angle_deviation 
_pdbx_validate_rmsd_angle.angle_standard_deviation 
_pdbx_validate_rmsd_angle.linker_flag 
1  1 "O4'" A DG 1  ? ? "C1'" A DG 1  ? ? N9 A DG 1  ? ? 111.43 108.30 3.13  0.30 N 
2  1 "O4'" A DC 2  ? ? "C1'" A DC 2  ? ? N1 A DC 2  ? ? 111.32 108.30 3.02  0.30 N 
3  1 "O4'" A DA 4  ? ? "C1'" A DA 4  ? ? N9 A DA 4  ? ? 110.91 108.30 2.61  0.30 N 
4  1 "O4'" A DT 6  ? ? "C1'" A DT 6  ? ? N1 A DT 6  ? ? 111.33 108.30 3.03  0.30 N 
5  1 C6    A DT 6  ? ? C5    A DT 6  ? ? C7 A DT 6  ? ? 118.86 122.90 -4.04 0.60 N 
6  1 "O4'" A DA 8  ? ? "C1'" A DA 8  ? ? N9 A DA 8  ? ? 110.96 108.30 2.66  0.30 N 
7  1 "O4'" A DG 9  ? ? "C1'" A DG 9  ? ? N9 A DG 9  ? ? 111.13 108.30 2.83  0.30 N 
8  1 "O4'" A DC 10 ? ? "C1'" A DC 10 ? ? N1 A DC 10 ? ? 110.98 108.30 2.68  0.30 N 
9  1 "O4'" B DG 11 ? ? "C1'" B DG 11 ? ? N9 B DG 11 ? ? 111.51 108.30 3.21  0.30 N 
10 1 "O4'" B DC 12 ? ? "C1'" B DC 12 ? ? N1 B DC 12 ? ? 111.35 108.30 3.05  0.30 N 
11 1 "O4'" B DA 14 ? ? "C1'" B DA 14 ? ? N9 B DA 14 ? ? 110.97 108.30 2.67  0.30 N 
12 1 "O4'" B DT 16 ? ? "C1'" B DT 16 ? ? N1 B DT 16 ? ? 111.35 108.30 3.05  0.30 N 
13 1 C6    B DT 16 ? ? C5    B DT 16 ? ? C7 B DT 16 ? ? 118.85 122.90 -4.05 0.60 N 
14 1 "O4'" B DA 18 ? ? "C1'" B DA 18 ? ? N9 B DA 18 ? ? 110.93 108.30 2.63  0.30 N 
15 1 "O4'" B DG 19 ? ? "C1'" B DG 19 ? ? N9 B DG 19 ? ? 111.07 108.30 2.77  0.30 N 
16 1 "O4'" B DC 20 ? ? "C1'" B DC 20 ? ? N1 B DC 20 ? ? 111.01 108.30 2.71  0.30 N 
# 
loop_
_pdbx_validate_planes.id 
_pdbx_validate_planes.PDB_model_num 
_pdbx_validate_planes.auth_comp_id 
_pdbx_validate_planes.auth_asym_id 
_pdbx_validate_planes.auth_seq_id 
_pdbx_validate_planes.PDB_ins_code 
_pdbx_validate_planes.label_alt_id 
_pdbx_validate_planes.rmsd 
_pdbx_validate_planes.type 
1 1 DA A 5  ? ? 0.055 'SIDE CHAIN' 
2 1 DT A 6  ? ? 0.059 'SIDE CHAIN' 
3 1 DA B 15 ? ? 0.057 'SIDE CHAIN' 
4 1 DT B 16 ? ? 0.059 'SIDE CHAIN' 
# 
_pdbx_nmr_ensemble.entry_id                                      175D 
_pdbx_nmr_ensemble.conformers_calculated_total_number            ? 
_pdbx_nmr_ensemble.conformers_submitted_total_number             1 
_pdbx_nmr_ensemble.conformer_selection_criteria                  ? 
_pdbx_nmr_ensemble.average_constraints_per_residue               ? 
_pdbx_nmr_ensemble.average_constraint_violations_per_residue     ? 
_pdbx_nmr_ensemble.maximum_distance_constraint_violation         ? 
_pdbx_nmr_ensemble.average_distance_constraint_violation         ? 
_pdbx_nmr_ensemble.maximum_upper_distance_constraint_violation   ? 
_pdbx_nmr_ensemble.maximum_lower_distance_constraint_violation   ? 
_pdbx_nmr_ensemble.distance_constraint_violation_method          ? 
_pdbx_nmr_ensemble.maximum_torsion_angle_constraint_violation    ? 
_pdbx_nmr_ensemble.average_torsion_angle_constraint_violation    ? 
_pdbx_nmr_ensemble.torsion_angle_constraint_violation_method     ? 
# 
_pdbx_nmr_refine.entry_id           175D 
_pdbx_nmr_refine.method             ? 
_pdbx_nmr_refine.details            
;THE SEQUENCE FORMS A STABLE TEN BASE-PAIR B-FORM DUPLEX WITH TWO PAIRS OF ADJACENT G:A MISMATCHES PAIRED VIA A SHEARED HYDROGEN BONDING SCHEME: 5' - G - C - G - A - A - T - G - A - G - C - 3' 3' - C - G - A - G - T - A - A - G - C - G - 5'
;
_pdbx_nmr_refine.software_ordinal   1 
# 
loop_
_chem_comp_atom.comp_id 
_chem_comp_atom.atom_id 
_chem_comp_atom.type_symbol 
_chem_comp_atom.pdbx_aromatic_flag 
_chem_comp_atom.pdbx_stereo_config 
_chem_comp_atom.pdbx_ordinal 
DA OP3    O N N 1   
DA P      P N N 2   
DA OP1    O N N 3   
DA OP2    O N N 4   
DA "O5'"  O N N 5   
DA "C5'"  C N N 6   
DA "C4'"  C N R 7   
DA "O4'"  O N N 8   
DA "C3'"  C N S 9   
DA "O3'"  O N N 10  
DA "C2'"  C N N 11  
DA "C1'"  C N R 12  
DA N9     N Y N 13  
DA C8     C Y N 14  
DA N7     N Y N 15  
DA C5     C Y N 16  
DA C6     C Y N 17  
DA N6     N N N 18  
DA N1     N Y N 19  
DA C2     C Y N 20  
DA N3     N Y N 21  
DA C4     C Y N 22  
DA HOP3   H N N 23  
DA HOP2   H N N 24  
DA "H5'"  H N N 25  
DA "H5''" H N N 26  
DA "H4'"  H N N 27  
DA "H3'"  H N N 28  
DA "HO3'" H N N 29  
DA "H2'"  H N N 30  
DA "H2''" H N N 31  
DA "H1'"  H N N 32  
DA H8     H N N 33  
DA H61    H N N 34  
DA H62    H N N 35  
DA H2     H N N 36  
DC OP3    O N N 37  
DC P      P N N 38  
DC OP1    O N N 39  
DC OP2    O N N 40  
DC "O5'"  O N N 41  
DC "C5'"  C N N 42  
DC "C4'"  C N R 43  
DC "O4'"  O N N 44  
DC "C3'"  C N S 45  
DC "O3'"  O N N 46  
DC "C2'"  C N N 47  
DC "C1'"  C N R 48  
DC N1     N N N 49  
DC C2     C N N 50  
DC O2     O N N 51  
DC N3     N N N 52  
DC C4     C N N 53  
DC N4     N N N 54  
DC C5     C N N 55  
DC C6     C N N 56  
DC HOP3   H N N 57  
DC HOP2   H N N 58  
DC "H5'"  H N N 59  
DC "H5''" H N N 60  
DC "H4'"  H N N 61  
DC "H3'"  H N N 62  
DC "HO3'" H N N 63  
DC "H2'"  H N N 64  
DC "H2''" H N N 65  
DC "H1'"  H N N 66  
DC H41    H N N 67  
DC H42    H N N 68  
DC H5     H N N 69  
DC H6     H N N 70  
DG OP3    O N N 71  
DG P      P N N 72  
DG OP1    O N N 73  
DG OP2    O N N 74  
DG "O5'"  O N N 75  
DG "C5'"  C N N 76  
DG "C4'"  C N R 77  
DG "O4'"  O N N 78  
DG "C3'"  C N S 79  
DG "O3'"  O N N 80  
DG "C2'"  C N N 81  
DG "C1'"  C N R 82  
DG N9     N Y N 83  
DG C8     C Y N 84  
DG N7     N Y N 85  
DG C5     C Y N 86  
DG C6     C N N 87  
DG O6     O N N 88  
DG N1     N N N 89  
DG C2     C N N 90  
DG N2     N N N 91  
DG N3     N N N 92  
DG C4     C Y N 93  
DG HOP3   H N N 94  
DG HOP2   H N N 95  
DG "H5'"  H N N 96  
DG "H5''" H N N 97  
DG "H4'"  H N N 98  
DG "H3'"  H N N 99  
DG "HO3'" H N N 100 
DG "H2'"  H N N 101 
DG "H2''" H N N 102 
DG "H1'"  H N N 103 
DG H8     H N N 104 
DG H1     H N N 105 
DG H21    H N N 106 
DG H22    H N N 107 
DT OP3    O N N 108 
DT P      P N N 109 
DT OP1    O N N 110 
DT OP2    O N N 111 
DT "O5'"  O N N 112 
DT "C5'"  C N N 113 
DT "C4'"  C N R 114 
DT "O4'"  O N N 115 
DT "C3'"  C N S 116 
DT "O3'"  O N N 117 
DT "C2'"  C N N 118 
DT "C1'"  C N R 119 
DT N1     N N N 120 
DT C2     C N N 121 
DT O2     O N N 122 
DT N3     N N N 123 
DT C4     C N N 124 
DT O4     O N N 125 
DT C5     C N N 126 
DT C7     C N N 127 
DT C6     C N N 128 
DT HOP3   H N N 129 
DT HOP2   H N N 130 
DT "H5'"  H N N 131 
DT "H5''" H N N 132 
DT "H4'"  H N N 133 
DT "H3'"  H N N 134 
DT "HO3'" H N N 135 
DT "H2'"  H N N 136 
DT "H2''" H N N 137 
DT "H1'"  H N N 138 
DT H3     H N N 139 
DT H71    H N N 140 
DT H72    H N N 141 
DT H73    H N N 142 
DT H6     H N N 143 
# 
loop_
_chem_comp_bond.comp_id 
_chem_comp_bond.atom_id_1 
_chem_comp_bond.atom_id_2 
_chem_comp_bond.value_order 
_chem_comp_bond.pdbx_aromatic_flag 
_chem_comp_bond.pdbx_stereo_config 
_chem_comp_bond.pdbx_ordinal 
DA OP3   P      sing N N 1   
DA OP3   HOP3   sing N N 2   
DA P     OP1    doub N N 3   
DA P     OP2    sing N N 4   
DA P     "O5'"  sing N N 5   
DA OP2   HOP2   sing N N 6   
DA "O5'" "C5'"  sing N N 7   
DA "C5'" "C4'"  sing N N 8   
DA "C5'" "H5'"  sing N N 9   
DA "C5'" "H5''" sing N N 10  
DA "C4'" "O4'"  sing N N 11  
DA "C4'" "C3'"  sing N N 12  
DA "C4'" "H4'"  sing N N 13  
DA "O4'" "C1'"  sing N N 14  
DA "C3'" "O3'"  sing N N 15  
DA "C3'" "C2'"  sing N N 16  
DA "C3'" "H3'"  sing N N 17  
DA "O3'" "HO3'" sing N N 18  
DA "C2'" "C1'"  sing N N 19  
DA "C2'" "H2'"  sing N N 20  
DA "C2'" "H2''" sing N N 21  
DA "C1'" N9     sing N N 22  
DA "C1'" "H1'"  sing N N 23  
DA N9    C8     sing Y N 24  
DA N9    C4     sing Y N 25  
DA C8    N7     doub Y N 26  
DA C8    H8     sing N N 27  
DA N7    C5     sing Y N 28  
DA C5    C6     sing Y N 29  
DA C5    C4     doub Y N 30  
DA C6    N6     sing N N 31  
DA C6    N1     doub Y N 32  
DA N6    H61    sing N N 33  
DA N6    H62    sing N N 34  
DA N1    C2     sing Y N 35  
DA C2    N3     doub Y N 36  
DA C2    H2     sing N N 37  
DA N3    C4     sing Y N 38  
DC OP3   P      sing N N 39  
DC OP3   HOP3   sing N N 40  
DC P     OP1    doub N N 41  
DC P     OP2    sing N N 42  
DC P     "O5'"  sing N N 43  
DC OP2   HOP2   sing N N 44  
DC "O5'" "C5'"  sing N N 45  
DC "C5'" "C4'"  sing N N 46  
DC "C5'" "H5'"  sing N N 47  
DC "C5'" "H5''" sing N N 48  
DC "C4'" "O4'"  sing N N 49  
DC "C4'" "C3'"  sing N N 50  
DC "C4'" "H4'"  sing N N 51  
DC "O4'" "C1'"  sing N N 52  
DC "C3'" "O3'"  sing N N 53  
DC "C3'" "C2'"  sing N N 54  
DC "C3'" "H3'"  sing N N 55  
DC "O3'" "HO3'" sing N N 56  
DC "C2'" "C1'"  sing N N 57  
DC "C2'" "H2'"  sing N N 58  
DC "C2'" "H2''" sing N N 59  
DC "C1'" N1     sing N N 60  
DC "C1'" "H1'"  sing N N 61  
DC N1    C2     sing N N 62  
DC N1    C6     sing N N 63  
DC C2    O2     doub N N 64  
DC C2    N3     sing N N 65  
DC N3    C4     doub N N 66  
DC C4    N4     sing N N 67  
DC C4    C5     sing N N 68  
DC N4    H41    sing N N 69  
DC N4    H42    sing N N 70  
DC C5    C6     doub N N 71  
DC C5    H5     sing N N 72  
DC C6    H6     sing N N 73  
DG OP3   P      sing N N 74  
DG OP3   HOP3   sing N N 75  
DG P     OP1    doub N N 76  
DG P     OP2    sing N N 77  
DG P     "O5'"  sing N N 78  
DG OP2   HOP2   sing N N 79  
DG "O5'" "C5'"  sing N N 80  
DG "C5'" "C4'"  sing N N 81  
DG "C5'" "H5'"  sing N N 82  
DG "C5'" "H5''" sing N N 83  
DG "C4'" "O4'"  sing N N 84  
DG "C4'" "C3'"  sing N N 85  
DG "C4'" "H4'"  sing N N 86  
DG "O4'" "C1'"  sing N N 87  
DG "C3'" "O3'"  sing N N 88  
DG "C3'" "C2'"  sing N N 89  
DG "C3'" "H3'"  sing N N 90  
DG "O3'" "HO3'" sing N N 91  
DG "C2'" "C1'"  sing N N 92  
DG "C2'" "H2'"  sing N N 93  
DG "C2'" "H2''" sing N N 94  
DG "C1'" N9     sing N N 95  
DG "C1'" "H1'"  sing N N 96  
DG N9    C8     sing Y N 97  
DG N9    C4     sing Y N 98  
DG C8    N7     doub Y N 99  
DG C8    H8     sing N N 100 
DG N7    C5     sing Y N 101 
DG C5    C6     sing N N 102 
DG C5    C4     doub Y N 103 
DG C6    O6     doub N N 104 
DG C6    N1     sing N N 105 
DG N1    C2     sing N N 106 
DG N1    H1     sing N N 107 
DG C2    N2     sing N N 108 
DG C2    N3     doub N N 109 
DG N2    H21    sing N N 110 
DG N2    H22    sing N N 111 
DG N3    C4     sing N N 112 
DT OP3   P      sing N N 113 
DT OP3   HOP3   sing N N 114 
DT P     OP1    doub N N 115 
DT P     OP2    sing N N 116 
DT P     "O5'"  sing N N 117 
DT OP2   HOP2   sing N N 118 
DT "O5'" "C5'"  sing N N 119 
DT "C5'" "C4'"  sing N N 120 
DT "C5'" "H5'"  sing N N 121 
DT "C5'" "H5''" sing N N 122 
DT "C4'" "O4'"  sing N N 123 
DT "C4'" "C3'"  sing N N 124 
DT "C4'" "H4'"  sing N N 125 
DT "O4'" "C1'"  sing N N 126 
DT "C3'" "O3'"  sing N N 127 
DT "C3'" "C2'"  sing N N 128 
DT "C3'" "H3'"  sing N N 129 
DT "O3'" "HO3'" sing N N 130 
DT "C2'" "C1'"  sing N N 131 
DT "C2'" "H2'"  sing N N 132 
DT "C2'" "H2''" sing N N 133 
DT "C1'" N1     sing N N 134 
DT "C1'" "H1'"  sing N N 135 
DT N1    C2     sing N N 136 
DT N1    C6     sing N N 137 
DT C2    O2     doub N N 138 
DT C2    N3     sing N N 139 
DT N3    C4     sing N N 140 
DT N3    H3     sing N N 141 
DT C4    O4     doub N N 142 
DT C4    C5     sing N N 143 
DT C5    C7     sing N N 144 
DT C5    C6     doub N N 145 
DT C7    H71    sing N N 146 
DT C7    H72    sing N N 147 
DT C7    H73    sing N N 148 
DT C6    H6     sing N N 149 
# 
loop_
_ndb_struct_conf_na.entry_id 
_ndb_struct_conf_na.feature 
175D 'double helix'         
175D 'b-form double helix'  
175D 'mismatched base pair' 
# 
loop_
_ndb_struct_na_base_pair.model_number 
_ndb_struct_na_base_pair.i_label_asym_id 
_ndb_struct_na_base_pair.i_label_comp_id 
_ndb_struct_na_base_pair.i_label_seq_id 
_ndb_struct_na_base_pair.i_symmetry 
_ndb_struct_na_base_pair.j_label_asym_id 
_ndb_struct_na_base_pair.j_label_comp_id 
_ndb_struct_na_base_pair.j_label_seq_id 
_ndb_struct_na_base_pair.j_symmetry 
_ndb_struct_na_base_pair.shear 
_ndb_struct_na_base_pair.stretch 
_ndb_struct_na_base_pair.stagger 
_ndb_struct_na_base_pair.buckle 
_ndb_struct_na_base_pair.propeller 
_ndb_struct_na_base_pair.opening 
_ndb_struct_na_base_pair.pair_number 
_ndb_struct_na_base_pair.pair_name 
_ndb_struct_na_base_pair.i_auth_asym_id 
_ndb_struct_na_base_pair.i_auth_seq_id 
_ndb_struct_na_base_pair.i_PDB_ins_code 
_ndb_struct_na_base_pair.j_auth_asym_id 
_ndb_struct_na_base_pair.j_auth_seq_id 
_ndb_struct_na_base_pair.j_PDB_ins_code 
_ndb_struct_na_base_pair.hbond_type_28 
_ndb_struct_na_base_pair.hbond_type_12 
1 A DG 1  1_555 B DC 10 1_555 -0.621 -0.138 -0.253 -17.169 0.869   -1.322 1  A_DG1:DC20_B  A 1  ? B 20 ? 19 1 
1 A DC 2  1_555 B DG 9  1_555 0.779  -0.200 0.135  -9.723  11.185  -1.991 2  A_DC2:DG19_B  A 2  ? B 19 ? 19 1 
1 A DG 3  1_555 B DA 8  1_555 6.483  -4.127 -0.051 28.890  14.348  -0.584 3  A_DG3:DA18_B  A 3  ? B 18 ? 11 9 
1 A DA 4  1_555 B DG 7  1_555 -6.480 -4.383 0.491  -29.169 -9.833  1.484  4  A_DA4:DG17_B  A 4  ? B 17 ? 11 9 
1 A DA 5  1_555 B DT 6  1_555 -0.327 -0.047 0.206  -4.215  0.875   -1.629 5  A_DA5:DT16_B  A 5  ? B 16 ? 20 1 
1 A DT 6  1_555 B DA 5  1_555 0.329  -0.042 0.196  4.330   0.841   -1.371 6  A_DT6:DA15_B  A 6  ? B 15 ? 20 1 
1 A DG 7  1_555 B DA 4  1_555 6.483  -4.394 0.498  29.224  -10.034 1.434  7  A_DG7:DA14_B  A 7  ? B 14 ? 11 9 
1 A DA 8  1_555 B DG 3  1_555 -6.479 -4.128 -0.057 -29.072 14.623  -0.743 8  A_DA8:DG13_B  A 8  ? B 13 ? 11 9 
1 A DG 9  1_555 B DC 2  1_555 -0.787 -0.200 0.132  9.711   11.297  -1.836 9  A_DG9:DC12_B  A 9  ? B 12 ? 19 1 
1 A DC 10 1_555 B DG 1  1_555 0.634  -0.143 -0.243 17.239  0.893   -1.142 10 A_DC10:DG11_B A 10 ? B 11 ? 19 1 
# 
loop_
_ndb_struct_na_base_pair_step.model_number 
_ndb_struct_na_base_pair_step.i_label_asym_id_1 
_ndb_struct_na_base_pair_step.i_label_comp_id_1 
_ndb_struct_na_base_pair_step.i_label_seq_id_1 
_ndb_struct_na_base_pair_step.i_symmetry_1 
_ndb_struct_na_base_pair_step.j_label_asym_id_1 
_ndb_struct_na_base_pair_step.j_label_comp_id_1 
_ndb_struct_na_base_pair_step.j_label_seq_id_1 
_ndb_struct_na_base_pair_step.j_symmetry_1 
_ndb_struct_na_base_pair_step.i_label_asym_id_2 
_ndb_struct_na_base_pair_step.i_label_comp_id_2 
_ndb_struct_na_base_pair_step.i_label_seq_id_2 
_ndb_struct_na_base_pair_step.i_symmetry_2 
_ndb_struct_na_base_pair_step.j_label_asym_id_2 
_ndb_struct_na_base_pair_step.j_label_comp_id_2 
_ndb_struct_na_base_pair_step.j_label_seq_id_2 
_ndb_struct_na_base_pair_step.j_symmetry_2 
_ndb_struct_na_base_pair_step.shift 
_ndb_struct_na_base_pair_step.slide 
_ndb_struct_na_base_pair_step.rise 
_ndb_struct_na_base_pair_step.tilt 
_ndb_struct_na_base_pair_step.roll 
_ndb_struct_na_base_pair_step.twist 
_ndb_struct_na_base_pair_step.x_displacement 
_ndb_struct_na_base_pair_step.y_displacement 
_ndb_struct_na_base_pair_step.helical_rise 
_ndb_struct_na_base_pair_step.inclination 
_ndb_struct_na_base_pair_step.tip 
_ndb_struct_na_base_pair_step.helical_twist 
_ndb_struct_na_base_pair_step.step_number 
_ndb_struct_na_base_pair_step.step_name 
_ndb_struct_na_base_pair_step.i_auth_asym_id_1 
_ndb_struct_na_base_pair_step.i_auth_seq_id_1 
_ndb_struct_na_base_pair_step.i_PDB_ins_code_1 
_ndb_struct_na_base_pair_step.j_auth_asym_id_1 
_ndb_struct_na_base_pair_step.j_auth_seq_id_1 
_ndb_struct_na_base_pair_step.j_PDB_ins_code_1 
_ndb_struct_na_base_pair_step.i_auth_asym_id_2 
_ndb_struct_na_base_pair_step.i_auth_seq_id_2 
_ndb_struct_na_base_pair_step.i_PDB_ins_code_2 
_ndb_struct_na_base_pair_step.j_auth_asym_id_2 
_ndb_struct_na_base_pair_step.j_auth_seq_id_2 
_ndb_struct_na_base_pair_step.j_PDB_ins_code_2 
1 A DG 1 1_555 B DC 10 1_555 A DC 2  1_555 B DG 9 1_555 -0.176 -0.938 3.154 -1.466 1.671 38.808 -1.605  0.094   3.117 2.513   
2.204   38.869 1 AA_DG1DC2:DG19DC20_BB  A 1 ? B 20 ? A 2  ? B 19 ? 
1 A DC 2 1_555 B DG 9  1_555 A DG 3  1_555 B DA 8 1_555 0.396  0.557  2.420 -1.949 0.251 53.977 0.602   -0.525  2.408 0.276   
2.146   54.010 2 AA_DC2DG3:DA18DG19_BB  A 2 ? B 19 ? A 3  ? B 18 ? 
1 A DG 3 1_555 B DA 8  1_555 A DA 4  1_555 B DG 7 1_555 0.203  -1.160 4.472 -1.921 3.110 -1.902 -37.768 -30.490 3.035 -53.188 
-32.863 -4.120 3 AA_DG3DA4:DG17DA18_BB  A 3 ? B 18 ? A 4  ? B 17 ? 
1 A DA 4 1_555 B DG 7  1_555 A DA 5  1_555 B DT 6 1_555 -0.822 1.186  2.965 0.480  1.771 62.283 1.072   0.814   2.988 1.712   
-0.464  62.307 4 AA_DA4DA5:DT16DG17_BB  A 4 ? B 17 ? A 5  ? B 16 ? 
1 A DA 5 1_555 B DT 6  1_555 A DT 6  1_555 B DA 5 1_555 0.010  -0.316 3.091 0.041  4.185 32.735 -1.224  -0.011  3.029 7.387   
-0.073  32.994 5 AA_DA5DT6:DA15DT16_BB  A 5 ? B 16 ? A 6  ? B 15 ? 
1 A DT 6 1_555 B DA 5  1_555 A DG 7  1_555 B DA 4 1_555 0.817  1.200  2.969 -0.405 1.931 62.294 1.079   -0.806  2.997 1.866   
0.391   62.322 6 AA_DT6DG7:DA14DA15_BB  A 6 ? B 15 ? A 7  ? B 14 ? 
1 A DG 7 1_555 B DA 4  1_555 A DA 8  1_555 B DG 3 1_555 -0.212 -1.158 4.482 1.971  3.102 -1.886 -37.571 31.140  3.017 -53.044 
33.706  -4.131 7 AA_DG7DA8:DG13DA14_BB  A 7 ? B 14 ? A 8  ? B 13 ? 
1 A DA 8 1_555 B DG 3  1_555 A DG 9  1_555 B DC 2 1_555 -0.378 0.549  2.420 1.920  0.193 53.922 0.597   0.504   2.408 0.213   
-2.116  53.954 8 AA_DA8DG9:DC12DG13_BB  A 8 ? B 13 ? A 9  ? B 12 ? 
1 A DG 9 1_555 B DC 2  1_555 A DC 10 1_555 B DG 1 1_555 0.180  -0.943 3.158 1.334  1.534 38.873 -1.593  -0.115  3.124 2.302   
-2.003  38.924 9 AA_DG9DC10:DG11DC12_BB A 9 ? B 12 ? A 10 ? B 11 ? 
# 
_atom_sites.entry_id                    175D 
_atom_sites.fract_transf_matrix[1][1]   1.000000 
_atom_sites.fract_transf_matrix[1][2]   0.000000 
_atom_sites.fract_transf_matrix[1][3]   0.000000 
_atom_sites.fract_transf_matrix[2][1]   0.000000 
_atom_sites.fract_transf_matrix[2][2]   1.000000 
_atom_sites.fract_transf_matrix[2][3]   0.000000 
_atom_sites.fract_transf_matrix[3][1]   0.000000 
_atom_sites.fract_transf_matrix[3][2]   0.000000 
_atom_sites.fract_transf_matrix[3][3]   1.000000 
_atom_sites.fract_transf_vector[1]      0.00000 
_atom_sites.fract_transf_vector[2]      0.00000 
_atom_sites.fract_transf_vector[3]      0.00000 
# 
loop_
_atom_type.symbol 
C 
H 
N 
O 
P 
# 
loop_
_atom_site.group_PDB 
_atom_site.id 
_atom_site.type_symbol 
_atom_site.label_atom_id 
_atom_site.label_alt_id 
_atom_site.label_comp_id 
_atom_site.label_asym_id 
_atom_site.label_entity_id 
_atom_site.label_seq_id 
_atom_site.pdbx_PDB_ins_code 
_atom_site.Cartn_x 
_atom_site.Cartn_y 
_atom_site.Cartn_z 
_atom_site.occupancy 
_atom_site.B_iso_or_equiv 
_atom_site.pdbx_formal_charge 
_atom_site.auth_seq_id 
_atom_site.auth_comp_id 
_atom_site.auth_asym_id 
_atom_site.auth_atom_id 
_atom_site.pdbx_PDB_model_num 
ATOM 1   O "O5'"  . DG A 1 1  ? 14.421  -11.557 -1.373  1.00 0.00 ? 1  DG A "O5'"  1 
ATOM 2   C "C5'"  . DG A 1 1  ? 14.069  -12.896 -1.666  1.00 0.00 ? 1  DG A "C5'"  1 
ATOM 3   C "C4'"  . DG A 1 1  ? 12.583  -13.172 -1.382  1.00 0.00 ? 1  DG A "C4'"  1 
ATOM 4   O "O4'"  . DG A 1 1  ? 12.310  -12.969 -0.002  1.00 0.00 ? 1  DG A "O4'"  1 
ATOM 5   C "C3'"  . DG A 1 1  ? 11.631  -12.260 -2.183  1.00 0.00 ? 1  DG A "C3'"  1 
ATOM 6   O "O3'"  . DG A 1 1  ? 10.552  -13.034 -2.693  1.00 0.00 ? 1  DG A "O3'"  1 
ATOM 7   C "C2'"  . DG A 1 1  ? 11.169  -11.281 -1.106  1.00 0.00 ? 1  DG A "C2'"  1 
ATOM 8   C "C1'"  . DG A 1 1  ? 11.121  -12.211 0.101   1.00 0.00 ? 1  DG A "C1'"  1 
ATOM 9   N N9     . DG A 1 1  ? 11.056  -11.480 1.386   1.00 0.00 ? 1  DG A N9     1 
ATOM 10  C C8     . DG A 1 1  ? 11.981  -10.635 1.945   1.00 0.00 ? 1  DG A C8     1 
ATOM 11  N N7     . DG A 1 1  ? 11.647  -10.178 3.121   1.00 0.00 ? 1  DG A N7     1 
ATOM 12  C C5     . DG A 1 1  ? 10.404  -10.757 3.366   1.00 0.00 ? 1  DG A C5     1 
ATOM 13  C C6     . DG A 1 1  ? 9.516   -10.640 4.489   1.00 0.00 ? 1  DG A C6     1 
ATOM 14  O O6     . DG A 1 1  ? 9.683   -9.995  5.520   1.00 0.00 ? 1  DG A O6     1 
ATOM 15  N N1     . DG A 1 1  ? 8.330   -11.362 4.333   1.00 0.00 ? 1  DG A N1     1 
ATOM 16  C C2     . DG A 1 1  ? 8.025   -12.107 3.208   1.00 0.00 ? 1  DG A C2     1 
ATOM 17  N N2     . DG A 1 1  ? 6.831   -12.693 3.169   1.00 0.00 ? 1  DG A N2     1 
ATOM 18  N N3     . DG A 1 1  ? 8.856   -12.231 2.159   1.00 0.00 ? 1  DG A N3     1 
ATOM 19  C C4     . DG A 1 1  ? 10.027  -11.540 2.295   1.00 0.00 ? 1  DG A C4     1 
ATOM 20  H "H5'"  . DG A 1 1  ? 14.686  -13.559 -1.059  1.00 0.00 ? 1  DG A "H5'"  1 
ATOM 21  H "H5''" . DG A 1 1  ? 14.280  -13.091 -2.718  1.00 0.00 ? 1  DG A "H5''" 1 
ATOM 22  H "H4'"  . DG A 1 1  ? 12.392  -14.220 -1.624  1.00 0.00 ? 1  DG A "H4'"  1 
ATOM 23  H "H3'"  . DG A 1 1  ? 12.151  -11.752 -2.999  1.00 0.00 ? 1  DG A "H3'"  1 
ATOM 24  H "H2'"  . DG A 1 1  ? 11.917  -10.500 -0.959  1.00 0.00 ? 1  DG A "H2'"  1 
ATOM 25  H "H2''" . DG A 1 1  ? 10.204  -10.827 -1.324  1.00 0.00 ? 1  DG A "H2''" 1 
ATOM 26  H "H1'"  . DG A 1 1  ? 10.270  -12.884 0.005   1.00 0.00 ? 1  DG A "H1'"  1 
ATOM 27  H H8     . DG A 1 1  ? 12.907  -10.374 1.455   1.00 0.00 ? 1  DG A H8     1 
ATOM 28  H H1     . DG A 1 1  ? 7.669   -11.324 5.097   1.00 0.00 ? 1  DG A H1     1 
ATOM 29  H H21    . DG A 1 1  ? 6.198   -12.609 3.951   1.00 0.00 ? 1  DG A H21    1 
ATOM 30  H H22    . DG A 1 1  ? 6.571   -13.209 2.342   1.00 0.00 ? 1  DG A H22    1 
ATOM 31  H "HO5'" . DG A 1 1  ? 13.910  -10.973 -1.938  1.00 0.00 ? 1  DG A "HO5'" 1 
ATOM 32  P P      . DC A 1 2  ? 9.390   -12.412 -3.636  1.00 0.00 ? 2  DC A P      1 
ATOM 33  O OP1    . DC A 1 2  ? 9.043   -13.428 -4.655  1.00 0.00 ? 2  DC A OP1    1 
ATOM 34  O OP2    . DC A 1 2  ? 9.814   -11.061 -4.067  1.00 0.00 ? 2  DC A OP2    1 
ATOM 35  O "O5'"  . DC A 1 2  ? 8.125   -12.238 -2.638  1.00 0.00 ? 2  DC A "O5'"  1 
ATOM 36  C "C5'"  . DC A 1 2  ? 7.303   -13.334 -2.259  1.00 0.00 ? 2  DC A "C5'"  1 
ATOM 37  C "C4'"  . DC A 1 2  ? 6.099   -12.872 -1.420  1.00 0.00 ? 2  DC A "C4'"  1 
ATOM 38  O "O4'"  . DC A 1 2  ? 6.526   -12.241 -0.215  1.00 0.00 ? 2  DC A "O4'"  1 
ATOM 39  C "C3'"  . DC A 1 2  ? 5.203   -11.872 -2.179  1.00 0.00 ? 2  DC A "C3'"  1 
ATOM 40  O "O3'"  . DC A 1 2  ? 3.837   -12.215 -1.972  1.00 0.00 ? 2  DC A "O3'"  1 
ATOM 41  C "C2'"  . DC A 1 2  ? 5.585   -10.559 -1.494  1.00 0.00 ? 2  DC A "C2'"  1 
ATOM 42  C "C1'"  . DC A 1 2  ? 5.790   -11.041 -0.059  1.00 0.00 ? 2  DC A "C1'"  1 
ATOM 43  N N1     . DC A 1 2  ? 6.517   -10.068 0.812   1.00 0.00 ? 2  DC A N1     1 
ATOM 44  C C2     . DC A 1 2  ? 5.961   -9.704  2.052   1.00 0.00 ? 2  DC A C2     1 
ATOM 45  O O2     . DC A 1 2  ? 4.852   -10.095 2.403   1.00 0.00 ? 2  DC A O2     1 
ATOM 46  N N3     . DC A 1 2  ? 6.687   -8.913  2.897   1.00 0.00 ? 2  DC A N3     1 
ATOM 47  C C4     . DC A 1 2  ? 7.912   -8.485  2.557   1.00 0.00 ? 2  DC A C4     1 
ATOM 48  N N4     . DC A 1 2  ? 8.597   -7.772  3.449   1.00 0.00 ? 2  DC A N4     1 
ATOM 49  C C5     . DC A 1 2  ? 8.502   -8.819  1.290   1.00 0.00 ? 2  DC A C5     1 
ATOM 50  C C6     . DC A 1 2  ? 7.771   -9.608  0.460   1.00 0.00 ? 2  DC A C6     1 
ATOM 51  H "H5'"  . DC A 1 2  ? 7.879   -14.067 -1.692  1.00 0.00 ? 2  DC A "H5'"  1 
ATOM 52  H "H5''" . DC A 1 2  ? 6.913   -13.828 -3.152  1.00 0.00 ? 2  DC A "H5''" 1 
ATOM 53  H "H4'"  . DC A 1 2  ? 5.525   -13.763 -1.156  1.00 0.00 ? 2  DC A "H4'"  1 
ATOM 54  H "H3'"  . DC A 1 2  ? 5.430   -11.856 -3.248  1.00 0.00 ? 2  DC A "H3'"  1 
ATOM 55  H "H2'"  . DC A 1 2  ? 6.517   -10.205 -1.934  1.00 0.00 ? 2  DC A "H2'"  1 
ATOM 56  H "H2''" . DC A 1 2  ? 4.828   -9.783  -1.568  1.00 0.00 ? 2  DC A "H2''" 1 
ATOM 57  H "H1'"  . DC A 1 2  ? 4.809   -11.298 0.344   1.00 0.00 ? 2  DC A "H1'"  1 
ATOM 58  H H41    . DC A 1 2  ? 8.170   -7.578  4.342   1.00 0.00 ? 2  DC A H41    1 
ATOM 59  H H42    . DC A 1 2  ? 9.536   -7.468  3.241   1.00 0.00 ? 2  DC A H42    1 
ATOM 60  H H5     . DC A 1 2  ? 9.483   -8.483  0.984   1.00 0.00 ? 2  DC A H5     1 
ATOM 61  H H6     . DC A 1 2  ? 8.200   -9.895  -0.487  1.00 0.00 ? 2  DC A H6     1 
ATOM 62  P P      . DG A 1 3  ? 2.615   -11.425 -2.680  1.00 0.00 ? 3  DG A P      1 
ATOM 63  O OP1    . DG A 1 3  ? 1.418   -12.293 -2.625  1.00 0.00 ? 3  DG A OP1    1 
ATOM 64  O OP2    . DG A 1 3  ? 3.084   -10.906 -3.984  1.00 0.00 ? 3  DG A OP2    1 
ATOM 65  O "O5'"  . DG A 1 3  ? 2.371   -10.165 -1.699  1.00 0.00 ? 3  DG A "O5'"  1 
ATOM 66  C "C5'"  . DG A 1 3  ? 1.769   -10.308 -0.423  1.00 0.00 ? 3  DG A "C5'"  1 
ATOM 67  C "C4'"  . DG A 1 3  ? 1.770   -8.966  0.321   1.00 0.00 ? 3  DG A "C4'"  1 
ATOM 68  O "O4'"  . DG A 1 3  ? 3.100   -8.554  0.607   1.00 0.00 ? 3  DG A "O4'"  1 
ATOM 69  C "C3'"  . DG A 1 3  ? 1.096   -7.837  -0.486  1.00 0.00 ? 3  DG A "C3'"  1 
ATOM 70  O "O3'"  . DG A 1 3  ? 0.151   -7.132  0.301   1.00 0.00 ? 3  DG A "O3'"  1 
ATOM 71  C "C2'"  . DG A 1 3  ? 2.274   -6.919  -0.809  1.00 0.00 ? 3  DG A "C2'"  1 
ATOM 72  C "C1'"  . DG A 1 3  ? 3.197   -7.163  0.385   1.00 0.00 ? 3  DG A "C1'"  1 
ATOM 73  N N9     . DG A 1 3  ? 4.612   -6.787  0.142   1.00 0.00 ? 3  DG A N9     1 
ATOM 74  C C8     . DG A 1 3  ? 5.343   -6.925  -1.010  1.00 0.00 ? 3  DG A C8     1 
ATOM 75  N N7     . DG A 1 3  ? 6.585   -6.544  -0.917  1.00 0.00 ? 3  DG A N7     1 
ATOM 76  C C5     . DG A 1 3  ? 6.696   -6.103  0.396   1.00 0.00 ? 3  DG A C5     1 
ATOM 77  C C6     . DG A 1 3  ? 7.811   -5.515  1.084   1.00 0.00 ? 3  DG A C6     1 
ATOM 78  O O6     . DG A 1 3  ? 8.948   -5.320  0.665   1.00 0.00 ? 3  DG A O6     1 
ATOM 79  N N1     . DG A 1 3  ? 7.507   -5.130  2.390   1.00 0.00 ? 3  DG A N1     1 
ATOM 80  C C2     . DG A 1 3  ? 6.277   -5.332  2.986   1.00 0.00 ? 3  DG A C2     1 
ATOM 81  N N2     . DG A 1 3  ? 6.154   -4.893  4.235   1.00 0.00 ? 3  DG A N2     1 
ATOM 82  N N3     . DG A 1 3  ? 5.227   -5.886  2.350   1.00 0.00 ? 3  DG A N3     1 
ATOM 83  C C4     . DG A 1 3  ? 5.492   -6.248  1.056   1.00 0.00 ? 3  DG A C4     1 
ATOM 84  H "H5'"  . DG A 1 3  ? 2.305   -11.047 0.176   1.00 0.00 ? 3  DG A "H5'"  1 
ATOM 85  H "H5''" . DG A 1 3  ? 0.736   -10.642 -0.543  1.00 0.00 ? 3  DG A "H5''" 1 
ATOM 86  H "H4'"  . DG A 1 3  ? 1.259   -9.111  1.273   1.00 0.00 ? 3  DG A "H4'"  1 
ATOM 87  H "H3'"  . DG A 1 3  ? 0.642   -8.191  -1.417  1.00 0.00 ? 3  DG A "H3'"  1 
ATOM 88  H "H2'"  . DG A 1 3  ? 2.727   -7.264  -1.739  1.00 0.00 ? 3  DG A "H2'"  1 
ATOM 89  H "H2''" . DG A 1 3  ? 1.979   -5.875  -0.912  1.00 0.00 ? 3  DG A "H2''" 1 
ATOM 90  H "H1'"  . DG A 1 3  ? 2.795   -6.620  1.241   1.00 0.00 ? 3  DG A "H1'"  1 
ATOM 91  H H8     . DG A 1 3  ? 4.925   -7.307  -1.927  1.00 0.00 ? 3  DG A H8     1 
ATOM 92  H H1     . DG A 1 3  ? 8.241   -4.684  2.913   1.00 0.00 ? 3  DG A H1     1 
ATOM 93  H H21    . DG A 1 3  ? 6.944   -4.492  4.716   1.00 0.00 ? 3  DG A H21    1 
ATOM 94  H H22    . DG A 1 3  ? 5.262   -4.981  4.705   1.00 0.00 ? 3  DG A H22    1 
ATOM 95  P P      . DA A 1 4  ? -1.405  -7.567  0.346   1.00 0.00 ? 4  DA A P      1 
ATOM 96  O OP1    . DA A 1 4  ? -1.488  -9.031  0.142   1.00 0.00 ? 4  DA A OP1    1 
ATOM 97  O OP2    . DA A 1 4  ? -2.152  -6.657  -0.548  1.00 0.00 ? 4  DA A OP2    1 
ATOM 98  O "O5'"  . DA A 1 4  ? -1.828  -7.237  1.869   1.00 0.00 ? 4  DA A "O5'"  1 
ATOM 99  C "C5'"  . DA A 1 4  ? -2.091  -8.255  2.823   1.00 0.00 ? 4  DA A "C5'"  1 
ATOM 100 C "C4'"  . DA A 1 4  ? -2.374  -7.650  4.209   1.00 0.00 ? 4  DA A "C4'"  1 
ATOM 101 O "O4'"  . DA A 1 4  ? -1.188  -7.038  4.696   1.00 0.00 ? 4  DA A "O4'"  1 
ATOM 102 C "C3'"  . DA A 1 4  ? -3.483  -6.585  4.179   1.00 0.00 ? 4  DA A "C3'"  1 
ATOM 103 O "O3'"  . DA A 1 4  ? -4.282  -6.659  5.354   1.00 0.00 ? 4  DA A "O3'"  1 
ATOM 104 C "C2'"  . DA A 1 4  ? -2.656  -5.304  4.132   1.00 0.00 ? 4  DA A "C2'"  1 
ATOM 105 C "C1'"  . DA A 1 4  ? -1.409  -5.661  4.936   1.00 0.00 ? 4  DA A "C1'"  1 
ATOM 106 N N9     . DA A 1 4  ? -0.250  -4.853  4.488   1.00 0.00 ? 4  DA A N9     1 
ATOM 107 C C8     . DA A 1 4  ? 0.496   -5.000  3.344   1.00 0.00 ? 4  DA A C8     1 
ATOM 108 N N7     . DA A 1 4  ? 1.412   -4.089  3.179   1.00 0.00 ? 4  DA A N7     1 
ATOM 109 C C5     . DA A 1 4  ? 1.267   -3.266  4.288   1.00 0.00 ? 4  DA A C5     1 
ATOM 110 C C6     . DA A 1 4  ? 1.926   -2.087  4.726   1.00 0.00 ? 4  DA A C6     1 
ATOM 111 N N6     . DA A 1 4  ? 2.904   -1.489  4.044   1.00 0.00 ? 4  DA A N6     1 
ATOM 112 N N1     . DA A 1 4  ? 1.533   -1.504  5.879   1.00 0.00 ? 4  DA A N1     1 
ATOM 113 C C2     . DA A 1 4  ? 0.535   -2.057  6.571   1.00 0.00 ? 4  DA A C2     1 
ATOM 114 N N3     . DA A 1 4  ? -0.165  -3.156  6.268   1.00 0.00 ? 4  DA A N3     1 
ATOM 115 C C4     . DA A 1 4  ? 0.252   -3.725  5.098   1.00 0.00 ? 4  DA A C4     1 
ATOM 116 H "H5'"  . DA A 1 4  ? -1.240  -8.933  2.894   1.00 0.00 ? 4  DA A "H5'"  1 
ATOM 117 H "H5''" . DA A 1 4  ? -2.966  -8.826  2.507   1.00 0.00 ? 4  DA A "H5''" 1 
ATOM 118 H "H4'"  . DA A 1 4  ? -2.654  -8.467  4.877   1.00 0.00 ? 4  DA A "H4'"  1 
ATOM 119 H "H3'"  . DA A 1 4  ? -4.106  -6.707  3.288   1.00 0.00 ? 4  DA A "H3'"  1 
ATOM 120 H "H2'"  . DA A 1 4  ? -2.382  -5.089  3.097   1.00 0.00 ? 4  DA A "H2'"  1 
ATOM 121 H "H2''" . DA A 1 4  ? -3.167  -4.452  4.567   1.00 0.00 ? 4  DA A "H2''" 1 
ATOM 122 H "H1'"  . DA A 1 4  ? -1.590  -5.523  6.003   1.00 0.00 ? 4  DA A "H1'"  1 
ATOM 123 H H8     . DA A 1 4  ? 0.347   -5.800  2.638   1.00 0.00 ? 4  DA A H8     1 
ATOM 124 H H61    . DA A 1 4  ? 3.301   -0.634  4.404   1.00 0.00 ? 4  DA A H61    1 
ATOM 125 H H62    . DA A 1 4  ? 3.277   -1.915  3.204   1.00 0.00 ? 4  DA A H62    1 
ATOM 126 H H2     . DA A 1 4  ? 0.264   -1.550  7.484   1.00 0.00 ? 4  DA A H2     1 
ATOM 127 P P      . DA A 1 5  ? -5.708  -5.893  5.492   1.00 0.00 ? 5  DA A P      1 
ATOM 128 O OP1    . DA A 1 5  ? -6.419  -6.469  6.655   1.00 0.00 ? 5  DA A OP1    1 
ATOM 129 O OP2    . DA A 1 5  ? -6.365  -5.888  4.167   1.00 0.00 ? 5  DA A OP2    1 
ATOM 130 O "O5'"  . DA A 1 5  ? -5.309  -4.370  5.852   1.00 0.00 ? 5  DA A "O5'"  1 
ATOM 131 C "C5'"  . DA A 1 5  ? -4.898  -3.994  7.156   1.00 0.00 ? 5  DA A "C5'"  1 
ATOM 132 C "C4'"  . DA A 1 5  ? -4.341  -2.563  7.175   1.00 0.00 ? 5  DA A "C4'"  1 
ATOM 133 O "O4'"  . DA A 1 5  ? -3.269  -2.424  6.247   1.00 0.00 ? 5  DA A "O4'"  1 
ATOM 134 C "C3'"  . DA A 1 5  ? -5.400  -1.496  6.844   1.00 0.00 ? 5  DA A "C3'"  1 
ATOM 135 O "O3'"  . DA A 1 5  ? -5.308  -0.428  7.778   1.00 0.00 ? 5  DA A "O3'"  1 
ATOM 136 C "C2'"  . DA A 1 5  ? -4.997  -1.086  5.431   1.00 0.00 ? 5  DA A "C2'"  1 
ATOM 137 C "C1'"  . DA A 1 5  ? -3.479  -1.272  5.448   1.00 0.00 ? 5  DA A "C1'"  1 
ATOM 138 N N9     . DA A 1 5  ? -2.897  -1.481  4.097   1.00 0.00 ? 5  DA A N9     1 
ATOM 139 C C8     . DA A 1 5  ? -3.347  -2.307  3.095   1.00 0.00 ? 5  DA A C8     1 
ATOM 140 N N7     . DA A 1 5  ? -2.552  -2.401  2.068   1.00 0.00 ? 5  DA A N7     1 
ATOM 141 C C5     . DA A 1 5  ? -1.504  -1.545  2.389   1.00 0.00 ? 5  DA A C5     1 
ATOM 142 C C6     . DA A 1 5  ? -0.322  -1.155  1.709   1.00 0.00 ? 5  DA A C6     1 
ATOM 143 N N6     . DA A 1 5  ? 0.042   -1.661  0.529   1.00 0.00 ? 5  DA A N6     1 
ATOM 144 N N1     . DA A 1 5  ? 0.479   -0.219  2.264   1.00 0.00 ? 5  DA A N1     1 
ATOM 145 C C2     . DA A 1 5  ? 0.139   0.299   3.447   1.00 0.00 ? 5  DA A C2     1 
ATOM 146 N N3     . DA A 1 5  ? -0.928  -0.002  4.198   1.00 0.00 ? 5  DA A N3     1 
ATOM 147 C C4     . DA A 1 5  ? -1.726  -0.944  3.609   1.00 0.00 ? 5  DA A C4     1 
ATOM 148 H "H5'"  . DA A 1 5  ? -4.130  -4.672  7.527   1.00 0.00 ? 5  DA A "H5'"  1 
ATOM 149 H "H5''" . DA A 1 5  ? -5.749  -4.055  7.836   1.00 0.00 ? 5  DA A "H5''" 1 
ATOM 150 H "H4'"  . DA A 1 5  ? -3.951  -2.409  8.180   1.00 0.00 ? 5  DA A "H4'"  1 
ATOM 151 H "H3'"  . DA A 1 5  ? -6.410  -1.913  6.862   1.00 0.00 ? 5  DA A "H3'"  1 
ATOM 152 H "H2'"  . DA A 1 5  ? -5.476  -1.780  4.740   1.00 0.00 ? 5  DA A "H2'"  1 
ATOM 153 H "H2''" . DA A 1 5  ? -5.288  -0.069  5.180   1.00 0.00 ? 5  DA A "H2''" 1 
ATOM 154 H "H1'"  . DA A 1 5  ? -3.013  -0.412  5.932   1.00 0.00 ? 5  DA A "H1'"  1 
ATOM 155 H H8     . DA A 1 5  ? -4.282  -2.846  3.156   1.00 0.00 ? 5  DA A H8     1 
ATOM 156 H H61    . DA A 1 5  ? 0.889   -1.337  0.085   1.00 0.00 ? 5  DA A H61    1 
ATOM 157 H H62    . DA A 1 5  ? -0.538  -2.358  0.085   1.00 0.00 ? 5  DA A H62    1 
ATOM 158 H H2     . DA A 1 5  ? 0.814   1.040   3.848   1.00 0.00 ? 5  DA A H2     1 
ATOM 159 P P      . DT A 1 6  ? -6.290  0.859   7.748   1.00 0.00 ? 6  DT A P      1 
ATOM 160 O OP1    . DT A 1 6  ? -6.595  1.241   9.144   1.00 0.00 ? 6  DT A OP1    1 
ATOM 161 O OP2    . DT A 1 6  ? -7.395  0.596   6.799   1.00 0.00 ? 6  DT A OP2    1 
ATOM 162 O "O5'"  . DT A 1 6  ? -5.335  1.990   7.107   1.00 0.00 ? 6  DT A "O5'"  1 
ATOM 163 C "C5'"  . DT A 1 6  ? -4.265  2.561   7.845   1.00 0.00 ? 6  DT A "C5'"  1 
ATOM 164 C "C4'"  . DT A 1 6  ? -3.363  3.406   6.933   1.00 0.00 ? 6  DT A "C4'"  1 
ATOM 165 O "O4'"  . DT A 1 6  ? -2.948  2.671   5.786   1.00 0.00 ? 6  DT A "O4'"  1 
ATOM 166 C "C3'"  . DT A 1 6  ? -4.055  4.695   6.440   1.00 0.00 ? 6  DT A "C3'"  1 
ATOM 167 O "O3'"  . DT A 1 6  ? -3.161  5.789   6.616   1.00 0.00 ? 6  DT A "O3'"  1 
ATOM 168 C "C2'"  . DT A 1 6  ? -4.298  4.359   4.966   1.00 0.00 ? 6  DT A "C2'"  1 
ATOM 169 C "C1'"  . DT A 1 6  ? -3.052  3.526   4.663   1.00 0.00 ? 6  DT A "C1'"  1 
ATOM 170 N N1     . DT A 1 6  ? -3.112  2.746   3.389   1.00 0.00 ? 6  DT A N1     1 
ATOM 171 C C2     . DT A 1 6  ? -2.031  2.837   2.499   1.00 0.00 ? 6  DT A C2     1 
ATOM 172 O O2     . DT A 1 6  ? -1.089  3.610   2.642   1.00 0.00 ? 6  DT A O2     1 
ATOM 173 N N3     . DT A 1 6  ? -2.053  1.981   1.406   1.00 0.00 ? 6  DT A N3     1 
ATOM 174 C C4     . DT A 1 6  ? -3.045  1.050   1.121   1.00 0.00 ? 6  DT A C4     1 
ATOM 175 O O4     . DT A 1 6  ? -2.914  0.313   0.148   1.00 0.00 ? 6  DT A O4     1 
ATOM 176 C C5     . DT A 1 6  ? -4.170  1.056   2.053   1.00 0.00 ? 6  DT A C5     1 
ATOM 177 C C7     . DT A 1 6  ? -5.371  0.144   1.834   1.00 0.00 ? 6  DT A C7     1 
ATOM 178 C C6     . DT A 1 6  ? -4.160  1.880   3.135   1.00 0.00 ? 6  DT A C6     1 
ATOM 179 H "H5'"  . DT A 1 6  ? -3.658  1.788   8.319   1.00 0.00 ? 6  DT A "H5'"  1 
ATOM 180 H "H5''" . DT A 1 6  ? -4.665  3.194   8.638   1.00 0.00 ? 6  DT A "H5''" 1 
ATOM 181 H "H4'"  . DT A 1 6  ? -2.470  3.647   7.511   1.00 0.00 ? 6  DT A "H4'"  1 
ATOM 182 H "H3'"  . DT A 1 6  ? -4.990  4.885   6.974   1.00 0.00 ? 6  DT A "H3'"  1 
ATOM 183 H "H2'"  . DT A 1 6  ? -5.206  3.760   4.898   1.00 0.00 ? 6  DT A "H2'"  1 
ATOM 184 H "H2''" . DT A 1 6  ? -4.393  5.227   4.319   1.00 0.00 ? 6  DT A "H2''" 1 
ATOM 185 H "H1'"  . DT A 1 6  ? -2.195  4.202   4.680   1.00 0.00 ? 6  DT A "H1'"  1 
ATOM 186 H H3     . DT A 1 6  ? -1.252  2.027   0.789   1.00 0.00 ? 6  DT A H3     1 
ATOM 187 H H71    . DT A 1 6  ? -6.296  0.696   2.000   1.00 0.00 ? 6  DT A H71    1 
ATOM 188 H H72    . DT A 1 6  ? -5.383  -0.264  0.823   1.00 0.00 ? 6  DT A H72    1 
ATOM 189 H H73    . DT A 1 6  ? -5.352  -0.680  2.542   1.00 0.00 ? 6  DT A H73    1 
ATOM 190 H H6     . DT A 1 6  ? -4.997  1.834   3.814   1.00 0.00 ? 6  DT A H6     1 
ATOM 191 P P      . DG A 1 7  ? -3.569  7.324   6.311   1.00 0.00 ? 7  DG A P      1 
ATOM 192 O OP1    . DG A 1 7  ? -2.573  8.201   6.966   1.00 0.00 ? 7  DG A OP1    1 
ATOM 193 O OP2    . DG A 1 7  ? -5.008  7.497   6.612   1.00 0.00 ? 7  DG A OP2    1 
ATOM 194 O "O5'"  . DG A 1 7  ? -3.376  7.444   4.714   1.00 0.00 ? 7  DG A "O5'"  1 
ATOM 195 C "C5'"  . DG A 1 7  ? -2.094  7.407   4.104   1.00 0.00 ? 7  DG A "C5'"  1 
ATOM 196 C "C4'"  . DG A 1 7  ? -2.252  7.356   2.577   1.00 0.00 ? 7  DG A "C4'"  1 
ATOM 197 O "O4'"  . DG A 1 7  ? -2.931  6.170   2.189   1.00 0.00 ? 7  DG A "O4'"  1 
ATOM 198 C "C3'"  . DG A 1 7  ? -3.050  8.560   2.038   1.00 0.00 ? 7  DG A "C3'"  1 
ATOM 199 O "O3'"  . DG A 1 7  ? -2.356  9.224   0.996   1.00 0.00 ? 7  DG A "O3'"  1 
ATOM 200 C "C2'"  . DG A 1 7  ? -4.319  7.903   1.494   1.00 0.00 ? 7  DG A "C2'"  1 
ATOM 201 C "C1'"  . DG A 1 7  ? -3.830  6.494   1.151   1.00 0.00 ? 7  DG A "C1'"  1 
ATOM 202 N N9     . DG A 1 7  ? -4.897  5.467   1.091   1.00 0.00 ? 7  DG A N9     1 
ATOM 203 C C8     . DG A 1 7  ? -6.050  5.383   1.832   1.00 0.00 ? 7  DG A C8     1 
ATOM 204 N N7     . DG A 1 7  ? -6.797  4.352   1.561   1.00 0.00 ? 7  DG A N7     1 
ATOM 205 C C5     . DG A 1 7  ? -6.084  3.678   0.576   1.00 0.00 ? 7  DG A C5     1 
ATOM 206 C C6     . DG A 1 7  ? -6.406  2.482   -0.148  1.00 0.00 ? 7  DG A C6     1 
ATOM 207 O O6     . DG A 1 7  ? -7.422  1.798   -0.073  1.00 0.00 ? 7  DG A O6     1 
ATOM 208 N N1     . DG A 1 7  ? -5.412  2.100   -1.048  1.00 0.00 ? 7  DG A N1     1 
ATOM 209 C C2     . DG A 1 7  ? -4.248  2.814   -1.256  1.00 0.00 ? 7  DG A C2     1 
ATOM 210 N N2     . DG A 1 7  ? -3.405  2.310   -2.151  1.00 0.00 ? 7  DG A N2     1 
ATOM 211 N N3     . DG A 1 7  ? -3.949  3.953   -0.601  1.00 0.00 ? 7  DG A N3     1 
ATOM 212 C C4     . DG A 1 7  ? -4.903  4.337   0.302   1.00 0.00 ? 7  DG A C4     1 
ATOM 213 H "H5'"  . DG A 1 7  ? -1.532  6.531   4.430   1.00 0.00 ? 7  DG A "H5'"  1 
ATOM 214 H "H5''" . DG A 1 7  ? -1.531  8.301   4.377   1.00 0.00 ? 7  DG A "H5''" 1 
ATOM 215 H "H4'"  . DG A 1 7  ? -1.262  7.315   2.124   1.00 0.00 ? 7  DG A "H4'"  1 
ATOM 216 H "H3'"  . DG A 1 7  ? -3.314  9.276   2.822   1.00 0.00 ? 7  DG A "H3'"  1 
ATOM 217 H "H2'"  . DG A 1 7  ? -5.056  7.884   2.296   1.00 0.00 ? 7  DG A "H2'"  1 
ATOM 218 H "H2''" . DG A 1 7  ? -4.730  8.426   0.630   1.00 0.00 ? 7  DG A "H2''" 1 
ATOM 219 H "H1'"  . DG A 1 7  ? -3.301  6.550   0.200   1.00 0.00 ? 7  DG A "H1'"  1 
ATOM 220 H H8     . DG A 1 7  ? -6.327  6.114   2.574   1.00 0.00 ? 7  DG A H8     1 
ATOM 221 H H1     . DG A 1 7  ? -5.583  1.267   -1.586  1.00 0.00 ? 7  DG A H1     1 
ATOM 222 H H21    . DG A 1 7  ? -3.605  1.434   -2.605  1.00 0.00 ? 7  DG A H21    1 
ATOM 223 H H22    . DG A 1 7  ? -2.572  2.834   -2.387  1.00 0.00 ? 7  DG A H22    1 
ATOM 224 P P      . DA A 1 8  ? -1.186  10.293  1.318   1.00 0.00 ? 8  DA A P      1 
ATOM 225 O OP1    . DA A 1 8  ? -0.263  9.689   2.305   1.00 0.00 ? 8  DA A OP1    1 
ATOM 226 O OP2    . DA A 1 8  ? -1.819  11.598  1.606   1.00 0.00 ? 8  DA A OP2    1 
ATOM 227 O "O5'"  . DA A 1 8  ? -0.421  10.402  -0.096  1.00 0.00 ? 8  DA A "O5'"  1 
ATOM 228 C "C5'"  . DA A 1 8  ? 0.980   10.592  -0.180  1.00 0.00 ? 8  DA A "C5'"  1 
ATOM 229 C "C4'"  . DA A 1 8  ? 1.425   10.684  -1.648  1.00 0.00 ? 8  DA A "C4'"  1 
ATOM 230 O "O4'"  . DA A 1 8  ? 1.060   9.484   -2.322  1.00 0.00 ? 8  DA A "O4'"  1 
ATOM 231 C "C3'"  . DA A 1 8  ? 0.765   11.867  -2.378  1.00 0.00 ? 8  DA A "C3'"  1 
ATOM 232 O "O3'"  . DA A 1 8  ? 1.691   12.477  -3.270  1.00 0.00 ? 8  DA A "O3'"  1 
ATOM 233 C "C2'"  . DA A 1 8  ? -0.374  11.168  -3.117  1.00 0.00 ? 8  DA A "C2'"  1 
ATOM 234 C "C1'"  . DA A 1 8  ? 0.219   9.792   -3.415  1.00 0.00 ? 8  DA A "C1'"  1 
ATOM 235 N N9     . DA A 1 8  ? -0.840  8.769   -3.574  1.00 0.00 ? 8  DA A N9     1 
ATOM 236 C C8     . DA A 1 8  ? -1.728  8.313   -2.634  1.00 0.00 ? 8  DA A C8     1 
ATOM 237 N N7     . DA A 1 8  ? -2.574  7.423   -3.075  1.00 0.00 ? 8  DA A N7     1 
ATOM 238 C C5     . DA A 1 8  ? -2.232  7.279   -4.415  1.00 0.00 ? 8  DA A C5     1 
ATOM 239 C C6     . DA A 1 8  ? -2.738  6.490   -5.481  1.00 0.00 ? 8  DA A C6     1 
ATOM 240 N N6     . DA A 1 8  ? -3.774  5.657   -5.370  1.00 0.00 ? 8  DA A N6     1 
ATOM 241 N N1     . DA A 1 8  ? -2.164  6.583   -6.700  1.00 0.00 ? 8  DA A N1     1 
ATOM 242 C C2     . DA A 1 8  ? -1.137  7.417   -6.866  1.00 0.00 ? 8  DA A C2     1 
ATOM 243 N N3     . DA A 1 8  ? -0.568  8.209   -5.952  1.00 0.00 ? 8  DA A N3     1 
ATOM 244 C C4     . DA A 1 8  ? -1.169  8.097   -4.729  1.00 0.00 ? 8  DA A C4     1 
ATOM 245 H "H5'"  . DA A 1 8  ? 1.494   9.755   0.295   1.00 0.00 ? 8  DA A "H5'"  1 
ATOM 246 H "H5''" . DA A 1 8  ? 1.265   11.511  0.337   1.00 0.00 ? 8  DA A "H5''" 1 
ATOM 247 H "H4'"  . DA A 1 8  ? 2.512   10.786  -1.664  1.00 0.00 ? 8  DA A "H4'"  1 
ATOM 248 H "H3'"  . DA A 1 8  ? 0.401   12.607  -1.661  1.00 0.00 ? 8  DA A "H3'"  1 
ATOM 249 H "H2'"  . DA A 1 8  ? -1.236  11.083  -2.453  1.00 0.00 ? 8  DA A "H2'"  1 
ATOM 250 H "H2''" . DA A 1 8  ? -0.666  11.680  -4.029  1.00 0.00 ? 8  DA A "H2''" 1 
ATOM 251 H "H1'"  . DA A 1 8  ? 0.841   9.840   -4.308  1.00 0.00 ? 8  DA A "H1'"  1 
ATOM 252 H H8     . DA A 1 8  ? -1.727  8.669   -1.617  1.00 0.00 ? 8  DA A H8     1 
ATOM 253 H H61    . DA A 1 8  ? -4.075  5.146   -6.186  1.00 0.00 ? 8  DA A H61    1 
ATOM 254 H H62    . DA A 1 8  ? -4.261  5.546   -4.488  1.00 0.00 ? 8  DA A H62    1 
ATOM 255 H H2     . DA A 1 8  ? -0.710  7.444   -7.856  1.00 0.00 ? 8  DA A H2     1 
ATOM 256 P P      . DG A 1 9  ? 1.359   13.847  -4.075  1.00 0.00 ? 9  DG A P      1 
ATOM 257 O OP1    . DG A 1 9  ? 2.644   14.489  -4.428  1.00 0.00 ? 9  DG A OP1    1 
ATOM 258 O OP2    . DG A 1 9  ? 0.346   14.610  -3.312  1.00 0.00 ? 9  DG A OP2    1 
ATOM 259 O "O5'"  . DG A 1 9  ? 0.667   13.326  -5.438  1.00 0.00 ? 9  DG A "O5'"  1 
ATOM 260 C "C5'"  . DG A 1 9  ? 1.419   12.690  -6.457  1.00 0.00 ? 9  DG A "C5'"  1 
ATOM 261 C "C4'"  . DG A 1 9  ? 0.504   12.066  -7.521  1.00 0.00 ? 9  DG A "C4'"  1 
ATOM 262 O "O4'"  . DG A 1 9  ? -0.447  11.196  -6.910  1.00 0.00 ? 9  DG A "O4'"  1 
ATOM 263 C "C3'"  . DG A 1 9  ? -0.274  13.103  -8.352  1.00 0.00 ? 9  DG A "C3'"  1 
ATOM 264 O "O3'"  . DG A 1 9  ? -0.270  12.696  -9.717  1.00 0.00 ? 9  DG A "O3'"  1 
ATOM 265 C "C2'"  . DG A 1 9  ? -1.660  13.008  -7.718  1.00 0.00 ? 9  DG A "C2'"  1 
ATOM 266 C "C1'"  . DG A 1 9  ? -1.736  11.514  -7.400  1.00 0.00 ? 9  DG A "C1'"  1 
ATOM 267 N N9     . DG A 1 9  ? -2.784  11.171  -6.408  1.00 0.00 ? 9  DG A N9     1 
ATOM 268 C C8     . DG A 1 9  ? -3.090  11.804  -5.229  1.00 0.00 ? 9  DG A C8     1 
ATOM 269 N N7     . DG A 1 9  ? -4.019  11.219  -4.525  1.00 0.00 ? 9  DG A N7     1 
ATOM 270 C C5     . DG A 1 9  ? -4.385  10.125  -5.302  1.00 0.00 ? 9  DG A C5     1 
ATOM 271 C C6     . DG A 1 9  ? -5.392  9.125   -5.086  1.00 0.00 ? 9  DG A C6     1 
ATOM 272 O O6     . DG A 1 9  ? -6.134  8.996   -4.117  1.00 0.00 ? 9  DG A O6     1 
ATOM 273 N N1     . DG A 1 9  ? -5.511  8.224   -6.145  1.00 0.00 ? 9  DG A N1     1 
ATOM 274 C C2     . DG A 1 9  ? -4.746  8.287   -7.296  1.00 0.00 ? 9  DG A C2     1 
ATOM 275 N N2     . DG A 1 9  ? -4.978  7.361   -8.225  1.00 0.00 ? 9  DG A N2     1 
ATOM 276 N N3     . DG A 1 9  ? -3.798  9.220   -7.504  1.00 0.00 ? 9  DG A N3     1 
ATOM 277 C C4     . DG A 1 9  ? -3.659  10.109  -6.476  1.00 0.00 ? 9  DG A C4     1 
ATOM 278 H "H5'"  . DG A 1 9  ? 2.042   11.900  -6.033  1.00 0.00 ? 9  DG A "H5'"  1 
ATOM 279 H "H5''" . DG A 1 9  ? 2.079   13.419  -6.932  1.00 0.00 ? 9  DG A "H5''" 1 
ATOM 280 H "H4'"  . DG A 1 9  ? 1.150   11.480  -8.174  1.00 0.00 ? 9  DG A "H4'"  1 
ATOM 281 H "H3'"  . DG A 1 9  ? 0.146   14.108  -8.256  1.00 0.00 ? 9  DG A "H3'"  1 
ATOM 282 H "H2'"  . DG A 1 9  ? -1.672  13.608  -6.807  1.00 0.00 ? 9  DG A "H2'"  1 
ATOM 283 H "H2''" . DG A 1 9  ? -2.453  13.342  -8.380  1.00 0.00 ? 9  DG A "H2''" 1 
ATOM 284 H "H1'"  . DG A 1 9  ? -1.903  10.963  -8.325  1.00 0.00 ? 9  DG A "H1'"  1 
ATOM 285 H H8     . DG A 1 9  ? -2.600  12.709  -4.904  1.00 0.00 ? 9  DG A H8     1 
ATOM 286 H H1     . DG A 1 9  ? -6.202  7.492   -6.047  1.00 0.00 ? 9  DG A H1     1 
ATOM 287 H H21    . DG A 1 9  ? -5.670  6.645   -8.061  1.00 0.00 ? 9  DG A H21    1 
ATOM 288 H H22    . DG A 1 9  ? -4.418  7.361   -9.063  1.00 0.00 ? 9  DG A H22    1 
ATOM 289 P P      . DC A 1 10 ? -0.988  13.534  -10.903 1.00 0.00 ? 10 DC A P      1 
ATOM 290 O OP1    . DC A 1 10 ? -0.063  13.581  -12.058 1.00 0.00 ? 10 DC A OP1    1 
ATOM 291 O OP2    . DC A 1 10 ? -1.529  14.794  -10.346 1.00 0.00 ? 10 DC A OP2    1 
ATOM 292 O "O5'"  . DC A 1 10 ? -2.235  12.582  -11.295 1.00 0.00 ? 10 DC A "O5'"  1 
ATOM 293 C "C5'"  . DC A 1 10 ? -2.051  11.366  -12.006 1.00 0.00 ? 10 DC A "C5'"  1 
ATOM 294 C "C4'"  . DC A 1 10 ? -3.369  10.580  -12.100 1.00 0.00 ? 10 DC A "C4'"  1 
ATOM 295 O "O4'"  . DC A 1 10 ? -3.918  10.380  -10.802 1.00 0.00 ? 10 DC A "O4'"  1 
ATOM 296 C "C3'"  . DC A 1 10 ? -4.437  11.296  -12.950 1.00 0.00 ? 10 DC A "C3'"  1 
ATOM 297 O "O3'"  . DC A 1 10 ? -5.045  10.392  -13.853 1.00 0.00 ? 10 DC A "O3'"  1 
ATOM 298 C "C2'"  . DC A 1 10 ? -5.464  11.736  -11.911 1.00 0.00 ? 10 DC A "C2'"  1 
ATOM 299 C "C1'"  . DC A 1 10 ? -5.309  10.633  -10.860 1.00 0.00 ? 10 DC A "C1'"  1 
ATOM 300 N N1     . DC A 1 10 ? -5.838  11.020  -9.518  1.00 0.00 ? 10 DC A N1     1 
ATOM 301 C C2     . DC A 1 10 ? -6.814  10.217  -8.906  1.00 0.00 ? 10 DC A C2     1 
ATOM 302 O O2     . DC A 1 10 ? -7.270  9.223   -9.465  1.00 0.00 ? 10 DC A O2     1 
ATOM 303 N N3     . DC A 1 10 ? -7.258  10.551  -7.657  1.00 0.00 ? 10 DC A N3     1 
ATOM 304 C C4     . DC A 1 10 ? -6.781  11.631  -7.020  1.00 0.00 ? 10 DC A C4     1 
ATOM 305 N N4     . DC A 1 10 ? -7.235  11.889  -5.797  1.00 0.00 ? 10 DC A N4     1 
ATOM 306 C C5     . DC A 1 10 ? -5.788  12.480  -7.622  1.00 0.00 ? 10 DC A C5     1 
ATOM 307 C C6     . DC A 1 10 ? -5.352  12.134  -8.861  1.00 0.00 ? 10 DC A C6     1 
ATOM 308 H "H5'"  . DC A 1 10 ? -1.307  10.739  -11.513 1.00 0.00 ? 10 DC A "H5'"  1 
ATOM 309 H "H5''" . DC A 1 10 ? -1.694  11.578  -13.015 1.00 0.00 ? 10 DC A "H5''" 1 
ATOM 310 H "H4'"  . DC A 1 10 ? -3.143  9.605   -12.537 1.00 0.00 ? 10 DC A "H4'"  1 
ATOM 311 H "H3'"  . DC A 1 10 ? -4.038  12.145  -13.508 1.00 0.00 ? 10 DC A "H3'"  1 
ATOM 312 H "HO3'" . DC A 1 10 ? -5.745  10.853  -14.319 1.00 0.00 ? 10 DC A "HO3'" 1 
ATOM 313 H "H2'"  . DC A 1 10 ? -5.166  12.711  -11.521 1.00 0.00 ? 10 DC A "H2'"  1 
ATOM 314 H "H2''" . DC A 1 10 ? -6.478  11.792  -12.309 1.00 0.00 ? 10 DC A "H2''" 1 
ATOM 315 H "H1'"  . DC A 1 10 ? -5.783  9.732   -11.257 1.00 0.00 ? 10 DC A "H1'"  1 
ATOM 316 H H41    . DC A 1 10 ? -7.932  11.277  -5.399  1.00 0.00 ? 10 DC A H41    1 
ATOM 317 H H42    . DC A 1 10 ? -6.868  12.669  -5.273  1.00 0.00 ? 10 DC A H42    1 
ATOM 318 H H5     . DC A 1 10 ? -5.387  13.357  -7.134  1.00 0.00 ? 10 DC A H5     1 
ATOM 319 H H6     . DC A 1 10 ? -4.614  12.753  -9.345  1.00 0.00 ? 10 DC A H6     1 
ATOM 320 O "O5'"  . DG B 1 1  ? -16.963 6.087   -4.374  1.00 0.00 ? 11 DG B "O5'"  1 
ATOM 321 C "C5'"  . DG B 1 1  ? -17.341 5.861   -5.716  1.00 0.00 ? 11 DG B "C5'"  1 
ATOM 322 C "C4'"  . DG B 1 1  ? -16.119 5.561   -6.600  1.00 0.00 ? 11 DG B "C4'"  1 
ATOM 323 O "O4'"  . DG B 1 1  ? -15.237 6.678   -6.595  1.00 0.00 ? 11 DG B "O4'"  1 
ATOM 324 C "C3'"  . DG B 1 1  ? -15.315 4.333   -6.124  1.00 0.00 ? 11 DG B "C3'"  1 
ATOM 325 O "O3'"  . DG B 1 1  ? -14.954 3.538   -7.248  1.00 0.00 ? 11 DG B "O3'"  1 
ATOM 326 C "C2'"  . DG B 1 1  ? -14.096 4.996   -5.484  1.00 0.00 ? 11 DG B "C2'"  1 
ATOM 327 C "C1'"  . DG B 1 1  ? -13.922 6.194   -6.410  1.00 0.00 ? 11 DG B "C1'"  1 
ATOM 328 N N9     . DG B 1 1  ? -13.037 7.233   -5.840  1.00 0.00 ? 11 DG B N9     1 
ATOM 329 C C8     . DG B 1 1  ? -13.219 7.999   -4.716  1.00 0.00 ? 11 DG B C8     1 
ATOM 330 N N7     . DG B 1 1  ? -12.271 8.869   -4.501  1.00 0.00 ? 11 DG B N7     1 
ATOM 331 C C5     . DG B 1 1  ? -11.385 8.665   -5.557  1.00 0.00 ? 11 DG B C5     1 
ATOM 332 C C6     . DG B 1 1  ? -10.141 9.309   -5.878  1.00 0.00 ? 11 DG B C6     1 
ATOM 333 O O6     . DG B 1 1  ? -9.585  10.224  -5.275  1.00 0.00 ? 11 DG B O6     1 
ATOM 334 N N1     . DG B 1 1  ? -9.527  8.785   -7.017  1.00 0.00 ? 11 DG B N1     1 
ATOM 335 C C2     . DG B 1 1  ? -10.047 7.742   -7.762  1.00 0.00 ? 11 DG B C2     1 
ATOM 336 N N2     . DG B 1 1  ? -9.324  7.301   -8.788  1.00 0.00 ? 11 DG B N2     1 
ATOM 337 N N3     . DG B 1 1  ? -11.217 7.144   -7.474  1.00 0.00 ? 11 DG B N3     1 
ATOM 338 C C4     . DG B 1 1  ? -11.839 7.648   -6.368  1.00 0.00 ? 11 DG B C4     1 
ATOM 339 H "H5'"  . DG B 1 1  ? -17.858 6.745   -6.091  1.00 0.00 ? 11 DG B "H5'"  1 
ATOM 340 H "H5''" . DG B 1 1  ? -18.029 5.016   -5.748  1.00 0.00 ? 11 DG B "H5''" 1 
ATOM 341 H "H4'"  . DG B 1 1  ? -16.477 5.405   -7.619  1.00 0.00 ? 11 DG B "H4'"  1 
ATOM 342 H "H3'"  . DG B 1 1  ? -15.879 3.738   -5.402  1.00 0.00 ? 11 DG B "H3'"  1 
ATOM 343 H "H2'"  . DG B 1 1  ? -14.339 5.325   -4.472  1.00 0.00 ? 11 DG B "H2'"  1 
ATOM 344 H "H2''" . DG B 1 1  ? -13.220 4.353   -5.461  1.00 0.00 ? 11 DG B "H2''" 1 
ATOM 345 H "H1'"  . DG B 1 1  ? -13.537 5.854   -7.371  1.00 0.00 ? 11 DG B "H1'"  1 
ATOM 346 H H8     . DG B 1 1  ? -14.078 7.894   -4.068  1.00 0.00 ? 11 DG B H8     1 
ATOM 347 H H1     . DG B 1 1  ? -8.650  9.204   -7.298  1.00 0.00 ? 11 DG B H1     1 
ATOM 348 H H21    . DG B 1 1  ? -8.443  7.741   -9.016  1.00 0.00 ? 11 DG B H21    1 
ATOM 349 H H22    . DG B 1 1  ? -9.666  6.516   -9.320  1.00 0.00 ? 11 DG B H22    1 
ATOM 350 H "HO5'" . DG B 1 1  ? -16.360 6.834   -4.351  1.00 0.00 ? 11 DG B "HO5'" 1 
ATOM 351 P P      . DC B 1 2  ? -14.153 2.136   -7.115  1.00 0.00 ? 12 DC B P      1 
ATOM 352 O OP1    . DC B 1 2  ? -14.700 1.206   -8.127  1.00 0.00 ? 12 DC B OP1    1 
ATOM 353 O OP2    . DC B 1 2  ? -14.141 1.739   -5.690  1.00 0.00 ? 12 DC B OP2    1 
ATOM 354 O "O5'"  . DC B 1 2  ? -12.633 2.511   -7.537  1.00 0.00 ? 12 DC B "O5'"  1 
ATOM 355 C "C5'"  . DC B 1 2  ? -12.240 2.666   -8.894  1.00 0.00 ? 12 DC B "C5'"  1 
ATOM 356 C "C4'"  . DC B 1 2  ? -10.722 2.881   -9.019  1.00 0.00 ? 12 DC B "C4'"  1 
ATOM 357 O "O4'"  . DC B 1 2  ? -10.312 4.060   -8.331  1.00 0.00 ? 12 DC B "O4'"  1 
ATOM 358 C "C3'"  . DC B 1 2  ? -9.910  1.701   -8.446  1.00 0.00 ? 12 DC B "C3'"  1 
ATOM 359 O "O3'"  . DC B 1 2  ? -8.846  1.386   -9.338  1.00 0.00 ? 12 DC B "O3'"  1 
ATOM 360 C "C2'"  . DC B 1 2  ? -9.411  2.299   -7.131  1.00 0.00 ? 12 DC B "C2'"  1 
ATOM 361 C "C1'"  . DC B 1 2  ? -9.169  3.747   -7.556  1.00 0.00 ? 12 DC B "C1'"  1 
ATOM 362 N N1     . DC B 1 2  ? -9.008  4.697   -6.414  1.00 0.00 ? 12 DC B N1     1 
ATOM 363 C C2     . DC B 1 2  ? -7.890  5.550   -6.380  1.00 0.00 ? 12 DC B C2     1 
ATOM 364 O O2     . DC B 1 2  ? -6.994  5.475   -7.216  1.00 0.00 ? 12 DC B O2     1 
ATOM 365 N N3     . DC B 1 2  ? -7.813  6.502   -5.403  1.00 0.00 ? 12 DC B N3     1 
ATOM 366 C C4     . DC B 1 2  ? -8.782  6.629   -4.486  1.00 0.00 ? 12 DC B C4     1 
ATOM 367 N N4     . DC B 1 2  ? -8.681  7.615   -3.599  1.00 0.00 ? 12 DC B N4     1 
ATOM 368 C C5     . DC B 1 2  ? -9.928  5.760   -4.478  1.00 0.00 ? 12 DC B C5     1 
ATOM 369 C C6     . DC B 1 2  ? -9.995  4.820   -5.455  1.00 0.00 ? 12 DC B C6     1 
ATOM 370 H "H5'"  . DC B 1 2  ? -12.763 3.507   -9.350  1.00 0.00 ? 12 DC B "H5'"  1 
ATOM 371 H "H5''" . DC B 1 2  ? -12.493 1.766   -9.457  1.00 0.00 ? 12 DC B "H5''" 1 
ATOM 372 H "H4'"  . DC B 1 2  ? -10.497 3.008   -10.081 1.00 0.00 ? 12 DC B "H4'"  1 
ATOM 373 H "H3'"  . DC B 1 2  ? -10.537 0.820   -8.283  1.00 0.00 ? 12 DC B "H3'"  1 
ATOM 374 H "H2'"  . DC B 1 2  ? -10.215 2.228   -6.397  1.00 0.00 ? 12 DC B "H2'"  1 
ATOM 375 H "H2''" . DC B 1 2  ? -8.515  1.825   -6.739  1.00 0.00 ? 12 DC B "H2''" 1 
ATOM 376 H "H1'"  . DC B 1 2  ? -8.301  3.752   -8.219  1.00 0.00 ? 12 DC B "H1'"  1 
ATOM 377 H H41    . DC B 1 2  ? -7.880  8.229   -3.648  1.00 0.00 ? 12 DC B H41    1 
ATOM 378 H H42    . DC B 1 2  ? -9.410  7.762   -2.918  1.00 0.00 ? 12 DC B H42    1 
ATOM 379 H H5     . DC B 1 2  ? -10.720 5.830   -3.747  1.00 0.00 ? 12 DC B H5     1 
ATOM 380 H H6     . DC B 1 2  ? -10.857 4.172   -5.488  1.00 0.00 ? 12 DC B H6     1 
ATOM 381 P P      . DG B 1 3  ? -7.830  0.149   -9.095  1.00 0.00 ? 13 DG B P      1 
ATOM 382 O OP1    . DG B 1 3  ? -7.178  -0.166  -10.386 1.00 0.00 ? 13 DG B OP1    1 
ATOM 383 O OP2    . DG B 1 3  ? -8.551  -0.913  -8.360  1.00 0.00 ? 13 DG B OP2    1 
ATOM 384 O "O5'"  . DG B 1 3  ? -6.717  0.775   -8.106  1.00 0.00 ? 13 DG B "O5'"  1 
ATOM 385 C "C5'"  . DG B 1 3  ? -5.746  1.705   -8.555  1.00 0.00 ? 13 DG B "C5'"  1 
ATOM 386 C "C4'"  . DG B 1 3  ? -4.894  2.199   -7.377  1.00 0.00 ? 13 DG B "C4'"  1 
ATOM 387 O "O4'"  . DG B 1 3  ? -5.692  2.939   -6.460  1.00 0.00 ? 13 DG B "O4'"  1 
ATOM 388 C "C3'"  . DG B 1 3  ? -4.237  1.044   -6.594  1.00 0.00 ? 13 DG B "C3'"  1 
ATOM 389 O "O3'"  . DG B 1 3  ? -2.853  1.280   -6.388  1.00 0.00 ? 13 DG B "O3'"  1 
ATOM 390 C "C2'"  . DG B 1 3  ? -4.966  1.101   -5.254  1.00 0.00 ? 13 DG B "C2'"  1 
ATOM 391 C "C1'"  . DG B 1 3  ? -5.308  2.588   -5.148  1.00 0.00 ? 13 DG B "C1'"  1 
ATOM 392 N N9     . DG B 1 3  ? -6.411  2.889   -4.202  1.00 0.00 ? 13 DG B N9     1 
ATOM 393 C C8     . DG B 1 3  ? -7.547  2.159   -3.959  1.00 0.00 ? 13 DG B C8     1 
ATOM 394 N N7     . DG B 1 3  ? -8.366  2.694   -3.100  1.00 0.00 ? 13 DG B N7     1 
ATOM 395 C C5     . DG B 1 3  ? -7.727  3.870   -2.725  1.00 0.00 ? 13 DG B C5     1 
ATOM 396 C C6     . DG B 1 3  ? -8.109  4.866   -1.764  1.00 0.00 ? 13 DG B C6     1 
ATOM 397 O O6     . DG B 1 3  ? -9.132  4.920   -1.089  1.00 0.00 ? 13 DG B O6     1 
ATOM 398 N N1     . DG B 1 3  ? -7.158  5.875   -1.613  1.00 0.00 ? 13 DG B N1     1 
ATOM 399 C C2     . DG B 1 3  ? -5.986  5.944   -2.341  1.00 0.00 ? 13 DG B C2     1 
ATOM 400 N N2     . DG B 1 3  ? -5.185  6.968   -2.063  1.00 0.00 ? 13 DG B N2     1 
ATOM 401 N N3     . DG B 1 3  ? -5.620  5.017   -3.248  1.00 0.00 ? 13 DG B N3     1 
ATOM 402 C C4     . DG B 1 3  ? -6.527  4.001   -3.394  1.00 0.00 ? 13 DG B C4     1 
ATOM 403 H "H5'"  . DG B 1 3  ? -6.226  2.563   -9.031  1.00 0.00 ? 13 DG B "H5'"  1 
ATOM 404 H "H5''" . DG B 1 3  ? -5.092  1.226   -9.284  1.00 0.00 ? 13 DG B "H5''" 1 
ATOM 405 H "H4'"  . DG B 1 3  ? -4.136  2.873   -7.772  1.00 0.00 ? 13 DG B "H4'"  1 
ATOM 406 H "H3'"  . DG B 1 3  ? -4.399  0.067   -7.057  1.00 0.00 ? 13 DG B "H3'"  1 
ATOM 407 H "H2'"  . DG B 1 3  ? -5.865  0.490   -5.331  1.00 0.00 ? 13 DG B "H2'"  1 
ATOM 408 H "H2''" . DG B 1 3  ? -4.353  0.747   -4.424  1.00 0.00 ? 13 DG B "H2''" 1 
ATOM 409 H "H1'"  . DG B 1 3  ? -4.403  3.127   -4.868  1.00 0.00 ? 13 DG B "H1'"  1 
ATOM 410 H H8     . DG B 1 3  ? -7.746  1.212   -4.431  1.00 0.00 ? 13 DG B H8     1 
ATOM 411 H H1     . DG B 1 3  ? -7.355  6.586   -0.929  1.00 0.00 ? 13 DG B H1     1 
ATOM 412 H H21    . DG B 1 3  ? -5.465  7.670   -1.396  1.00 0.00 ? 13 DG B H21    1 
ATOM 413 H H22    . DG B 1 3  ? -4.294  7.044   -2.540  1.00 0.00 ? 13 DG B H22    1 
ATOM 414 P P      . DA B 1 4  ? -1.740  0.763   -7.440  1.00 0.00 ? 14 DA B P      1 
ATOM 415 O OP1    . DA B 1 4  ? -2.349  0.737   -8.790  1.00 0.00 ? 14 DA B OP1    1 
ATOM 416 O OP2    . DA B 1 4  ? -1.134  -0.465  -6.883  1.00 0.00 ? 14 DA B OP2    1 
ATOM 417 O "O5'"  . DA B 1 4  ? -0.631  1.935   -7.400  1.00 0.00 ? 14 DA B "O5'"  1 
ATOM 418 C "C5'"  . DA B 1 4  ? -0.427  2.828   -8.483  1.00 0.00 ? 14 DA B "C5'"  1 
ATOM 419 C "C4'"  . DA B 1 4  ? 0.628   3.891   -8.131  1.00 0.00 ? 14 DA B "C4'"  1 
ATOM 420 O "O4'"  . DA B 1 4  ? 0.114   4.727   -7.103  1.00 0.00 ? 14 DA B "O4'"  1 
ATOM 421 C "C3'"  . DA B 1 4  ? 1.946   3.277   -7.632  1.00 0.00 ? 14 DA B "C3'"  1 
ATOM 422 O "O3'"  . DA B 1 4  ? 3.058   4.035   -8.096  1.00 0.00 ? 14 DA B "O3'"  1 
ATOM 423 C "C2'"  . DA B 1 4  ? 1.771   3.394   -6.121  1.00 0.00 ? 14 DA B "C2'"  1 
ATOM 424 C "C1'"  . DA B 1 4  ? 0.949   4.670   -5.962  1.00 0.00 ? 14 DA B "C1'"  1 
ATOM 425 N N9     . DA B 1 4  ? 0.144   4.619   -4.718  1.00 0.00 ? 14 DA B N9     1 
ATOM 426 C C8     . DA B 1 4  ? -1.001  3.900   -4.475  1.00 0.00 ? 14 DA B C8     1 
ATOM 427 N N7     . DA B 1 4  ? -1.448  3.994   -3.256  1.00 0.00 ? 14 DA B N7     1 
ATOM 428 C C5     . DA B 1 4  ? -0.534  4.831   -2.630  1.00 0.00 ? 14 DA B C5     1 
ATOM 429 C C6     . DA B 1 4  ? -0.411  5.335   -1.309  1.00 0.00 ? 14 DA B C6     1 
ATOM 430 N N6     . DA B 1 4  ? -1.254  5.030   -0.321  1.00 0.00 ? 14 DA B N6     1 
ATOM 431 N N1     . DA B 1 4  ? 0.625   6.145   -1.008  1.00 0.00 ? 14 DA B N1     1 
ATOM 432 C C2     . DA B 1 4  ? 1.506   6.447   -1.965  1.00 0.00 ? 14 DA B C2     1 
ATOM 433 N N3     . DA B 1 4  ? 1.505   6.040   -3.239  1.00 0.00 ? 14 DA B N3     1 
ATOM 434 C C4     . DA B 1 4  ? 0.446   5.221   -3.517  1.00 0.00 ? 14 DA B C4     1 
ATOM 435 H "H5'"  . DA B 1 4  ? -1.365  3.324   -8.745  1.00 0.00 ? 14 DA B "H5'"  1 
ATOM 436 H "H5''" . DA B 1 4  ? -0.078  2.265   -9.352  1.00 0.00 ? 14 DA B "H5''" 1 
ATOM 437 H "H4'"  . DA B 1 4  ? 0.804   4.492   -9.024  1.00 0.00 ? 14 DA B "H4'"  1 
ATOM 438 H "H3'"  . DA B 1 4  ? 2.032   2.237   -7.958  1.00 0.00 ? 14 DA B "H3'"  1 
ATOM 439 H "H2'"  . DA B 1 4  ? 1.201   2.537   -5.757  1.00 0.00 ? 14 DA B "H2'"  1 
ATOM 440 H "H2''" . DA B 1 4  ? 2.712   3.471   -5.588  1.00 0.00 ? 14 DA B "H2''" 1 
ATOM 441 H "H1'"  . DA B 1 4  ? 1.599   5.546   -5.967  1.00 0.00 ? 14 DA B "H1'"  1 
ATOM 442 H H8     . DA B 1 4  ? -1.499  3.307   -5.227  1.00 0.00 ? 14 DA B H8     1 
ATOM 443 H H61    . DA B 1 4  ? -1.082  5.403   0.601   1.00 0.00 ? 14 DA B H61    1 
ATOM 444 H H62    . DA B 1 4  ? -2.081  4.476   -0.505  1.00 0.00 ? 14 DA B H62    1 
ATOM 445 H H2     . DA B 1 4  ? 2.312   7.099   -1.668  1.00 0.00 ? 14 DA B H2     1 
ATOM 446 P P      . DA B 1 5  ? 4.585   3.487   -8.013  1.00 0.00 ? 15 DA B P      1 
ATOM 447 O OP1    . DA B 1 5  ? 5.418   4.336   -8.894  1.00 0.00 ? 15 DA B OP1    1 
ATOM 448 O OP2    . DA B 1 5  ? 4.568   2.022   -8.218  1.00 0.00 ? 15 DA B OP2    1 
ATOM 449 O "O5'"  . DA B 1 5  ? 5.027   3.767   -6.484  1.00 0.00 ? 15 DA B "O5'"  1 
ATOM 450 C "C5'"  . DA B 1 5  ? 5.392   5.063   -6.038  1.00 0.00 ? 15 DA B "C5'"  1 
ATOM 451 C "C4'"  . DA B 1 5  ? 5.523   5.108   -4.508  1.00 0.00 ? 15 DA B "C4'"  1 
ATOM 452 O "O4'"  . DA B 1 5  ? 4.318   4.676   -3.881  1.00 0.00 ? 15 DA B "O4'"  1 
ATOM 453 C "C3'"  . DA B 1 5  ? 6.677   4.240   -3.973  1.00 0.00 ? 15 DA B "C3'"  1 
ATOM 454 O "O3'"  . DA B 1 5  ? 7.424   4.977   -3.015  1.00 0.00 ? 15 DA B "O3'"  1 
ATOM 455 C "C2'"  . DA B 1 5  ? 5.922   3.062   -3.361  1.00 0.00 ? 15 DA B "C2'"  1 
ATOM 456 C "C1'"  . DA B 1 5  ? 4.619   3.710   -2.889  1.00 0.00 ? 15 DA B "C1'"  1 
ATOM 457 N N9     . DA B 1 5  ? 3.494   2.745   -2.767  1.00 0.00 ? 15 DA B N9     1 
ATOM 458 C C8     . DA B 1 5  ? 3.110   1.769   -3.655  1.00 0.00 ? 15 DA B C8     1 
ATOM 459 N N7     . DA B 1 5  ? 1.993   1.169   -3.355  1.00 0.00 ? 15 DA B N7     1 
ATOM 460 C C5     . DA B 1 5  ? 1.618   1.763   -2.155  1.00 0.00 ? 15 DA B C5     1 
ATOM 461 C C6     . DA B 1 5  ? 0.525   1.567   -1.273  1.00 0.00 ? 15 DA B C6     1 
ATOM 462 N N6     . DA B 1 5  ? -0.472  0.715   -1.521  1.00 0.00 ? 15 DA B N6     1 
ATOM 463 N N1     . DA B 1 5  ? 0.481   2.261   -0.114  1.00 0.00 ? 15 DA B N1     1 
ATOM 464 C C2     . DA B 1 5  ? 1.464   3.125   0.155   1.00 0.00 ? 15 DA B C2     1 
ATOM 465 N N3     . DA B 1 5  ? 2.527   3.421   -0.603  1.00 0.00 ? 15 DA B N3     1 
ATOM 466 C C4     . DA B 1 5  ? 2.551   2.698   -1.764  1.00 0.00 ? 15 DA B C4     1 
ATOM 467 H "H5'"  . DA B 1 5  ? 4.648   5.799   -6.344  1.00 0.00 ? 15 DA B "H5'"  1 
ATOM 468 H "H5''" . DA B 1 5  ? 6.345   5.347   -6.486  1.00 0.00 ? 15 DA B "H5''" 1 
ATOM 469 H "H4'"  . DA B 1 5  ? 5.689   6.155   -4.253  1.00 0.00 ? 15 DA B "H4'"  1 
ATOM 470 H "H3'"  . DA B 1 5  ? 7.337   3.909   -4.779  1.00 0.00 ? 15 DA B "H3'"  1 
ATOM 471 H "H2'"  . DA B 1 5  ? 5.743   2.340   -4.157  1.00 0.00 ? 15 DA B "H2'"  1 
ATOM 472 H "H2''" . DA B 1 5  ? 6.464   2.580   -2.551  1.00 0.00 ? 15 DA B "H2''" 1 
ATOM 473 H "H1'"  . DA B 1 5  ? 4.788   4.215   -1.937  1.00 0.00 ? 15 DA B "H1'"  1 
ATOM 474 H H8     . DA B 1 5  ? 3.680   1.526   -4.540  1.00 0.00 ? 15 DA B H8     1 
ATOM 475 H H61    . DA B 1 5  ? -1.219  0.607   -0.849  1.00 0.00 ? 15 DA B H61    1 
ATOM 476 H H62    . DA B 1 5  ? -0.467  0.178   -2.376  1.00 0.00 ? 15 DA B H62    1 
ATOM 477 H H2     . DA B 1 5  ? 1.380   3.656   1.092   1.00 0.00 ? 15 DA B H2     1 
ATOM 478 P P      . DT B 1 6  ? 8.729   4.380   -2.264  1.00 0.00 ? 16 DT B P      1 
ATOM 479 O OP1    . DT B 1 6  ? 9.715   5.472   -2.114  1.00 0.00 ? 16 DT B OP1    1 
ATOM 480 O OP2    . DT B 1 6  ? 9.125   3.115   -2.924  1.00 0.00 ? 16 DT B OP2    1 
ATOM 481 O "O5'"  . DT B 1 6  ? 8.139   4.022   -0.805  1.00 0.00 ? 16 DT B "O5'"  1 
ATOM 482 C "C5'"  . DT B 1 6  ? 7.812   5.038   0.130   1.00 0.00 ? 16 DT B "C5'"  1 
ATOM 483 C "C4'"  . DT B 1 6  ? 7.036   4.456   1.320   1.00 0.00 ? 16 DT B "C4'"  1 
ATOM 484 O "O4'"  . DT B 1 6  ? 5.920   3.684   0.886   1.00 0.00 ? 16 DT B "O4'"  1 
ATOM 485 C "C3'"  . DT B 1 6  ? 7.909   3.555   2.219   1.00 0.00 ? 16 DT B "C3'"  1 
ATOM 486 O "O3'"  . DT B 1 6  ? 7.695   3.925   3.577   1.00 0.00 ? 16 DT B "O3'"  1 
ATOM 487 C "C2'"  . DT B 1 6  ? 7.351   2.169   1.887   1.00 0.00 ? 16 DT B "C2'"  1 
ATOM 488 C "C1'"  . DT B 1 6  ? 5.875   2.508   1.674   1.00 0.00 ? 16 DT B "C1'"  1 
ATOM 489 N N1     . DT B 1 6  ? 5.073   1.437   1.009   1.00 0.00 ? 16 DT B N1     1 
ATOM 490 C C2     . DT B 1 6  ? 3.856   1.053   1.594   1.00 0.00 ? 16 DT B C2     1 
ATOM 491 O O2     . DT B 1 6  ? 3.463   1.459   2.684   1.00 0.00 ? 16 DT B O2     1 
ATOM 492 N N3     . DT B 1 6  ? 3.068   0.171   0.868   1.00 0.00 ? 16 DT B N3     1 
ATOM 493 C C4     . DT B 1 6  ? 3.377   -0.359  -0.378  1.00 0.00 ? 16 DT B C4     1 
ATOM 494 O O4     . DT B 1 6  ? 2.565   -1.087  -0.941  1.00 0.00 ? 16 DT B O4     1 
ATOM 495 C C5     . DT B 1 6  ? 4.685   0.033   -0.899  1.00 0.00 ? 16 DT B C5     1 
ATOM 496 C C7     . DT B 1 6  ? 5.198   -0.522  -2.221  1.00 0.00 ? 16 DT B C7     1 
ATOM 497 C C6     . DT B 1 6  ? 5.466   0.904   -0.205  1.00 0.00 ? 16 DT B C6     1 
ATOM 498 H "H5'"  . DT B 1 6  ? 7.207   5.819   -0.334  1.00 0.00 ? 16 DT B "H5'"  1 
ATOM 499 H "H5''" . DT B 1 6  ? 8.727   5.508   0.495   1.00 0.00 ? 16 DT B "H5''" 1 
ATOM 500 H "H4'"  . DT B 1 6  ? 6.648   5.304   1.886   1.00 0.00 ? 16 DT B "H4'"  1 
ATOM 501 H "H3'"  . DT B 1 6  ? 8.971   3.638   1.970   1.00 0.00 ? 16 DT B "H3'"  1 
ATOM 502 H "H2'"  . DT B 1 6  ? 7.819   1.825   0.964   1.00 0.00 ? 16 DT B "H2'"  1 
ATOM 503 H "H2''" . DT B 1 6  ? 7.505   1.426   2.665   1.00 0.00 ? 16 DT B "H2''" 1 
ATOM 504 H "H1'"  . DT B 1 6  ? 5.458   2.777   2.647   1.00 0.00 ? 16 DT B "H1'"  1 
ATOM 505 H H3     . DT B 1 6  ? 2.178   -0.073  1.280   1.00 0.00 ? 16 DT B H3     1 
ATOM 506 H H71    . DT B 1 6  ? 5.157   0.245   -2.990  1.00 0.00 ? 16 DT B H71    1 
ATOM 507 H H72    . DT B 1 6  ? 6.238   -0.830  -2.123  1.00 0.00 ? 16 DT B H72    1 
ATOM 508 H H73    . DT B 1 6  ? 4.608   -1.379  -2.549  1.00 0.00 ? 16 DT B H73    1 
ATOM 509 H H6     . DT B 1 6  ? 6.412   1.191   -0.636  1.00 0.00 ? 16 DT B H6     1 
ATOM 510 P P      . DG B 1 7  ? 8.513   3.275   4.812   1.00 0.00 ? 17 DG B P      1 
ATOM 511 O OP1    . DG B 1 7  ? 8.335   4.151   5.991   1.00 0.00 ? 17 DG B OP1    1 
ATOM 512 O OP2    . DG B 1 7  ? 9.877   2.940   4.346   1.00 0.00 ? 17 DG B OP2    1 
ATOM 513 O "O5'"  . DG B 1 7  ? 7.724   1.895   5.085   1.00 0.00 ? 17 DG B "O5'"  1 
ATOM 514 C "C5'"  . DG B 1 7  ? 6.413   1.868   5.625   1.00 0.00 ? 17 DG B "C5'"  1 
ATOM 515 C "C4'"  . DG B 1 7  ? 5.873   0.431   5.594   1.00 0.00 ? 17 DG B "C4'"  1 
ATOM 516 O "O4'"  . DG B 1 7  ? 5.780   -0.034  4.256   1.00 0.00 ? 17 DG B "O4'"  1 
ATOM 517 C "C3'"  . DG B 1 7  ? 6.781   -0.543  6.374   1.00 0.00 ? 17 DG B "C3'"  1 
ATOM 518 O "O3'"  . DG B 1 7  ? 6.044   -1.299  7.320   1.00 0.00 ? 17 DG B "O3'"  1 
ATOM 519 C "C2'"  . DG B 1 7  ? 7.318   -1.454  5.272   1.00 0.00 ? 17 DG B "C2'"  1 
ATOM 520 C "C1'"  . DG B 1 7  ? 6.207   -1.378  4.221   1.00 0.00 ? 17 DG B "C1'"  1 
ATOM 521 N N9     . DG B 1 7  ? 6.638   -1.720  2.843   1.00 0.00 ? 17 DG B N9     1 
ATOM 522 C C8     . DG B 1 7  ? 7.854   -1.501  2.244   1.00 0.00 ? 17 DG B C8     1 
ATOM 523 N N7     . DG B 1 7  ? 7.934   -1.907  1.010   1.00 0.00 ? 17 DG B N7     1 
ATOM 524 C C5     . DG B 1 7  ? 6.670   -2.423  0.751   1.00 0.00 ? 17 DG B C5     1 
ATOM 525 C C6     . DG B 1 7  ? 6.148   -3.050  -0.430  1.00 0.00 ? 17 DG B C6     1 
ATOM 526 O O6     . DG B 1 7  ? 6.732   -3.299  -1.481  1.00 0.00 ? 17 DG B O6     1 
ATOM 527 N N1     . DG B 1 7  ? 4.808   -3.416  -0.312  1.00 0.00 ? 17 DG B N1     1 
ATOM 528 C C2     . DG B 1 7  ? 4.061   -3.235  0.835   1.00 0.00 ? 17 DG B C2     1 
ATOM 529 N N2     . DG B 1 7  ? 2.797   -3.642  0.779   1.00 0.00 ? 17 DG B N2     1 
ATOM 530 N N3     . DG B 1 7  ? 4.549   -2.674  1.959   1.00 0.00 ? 17 DG B N3     1 
ATOM 531 C C4     . DG B 1 7  ? 5.858   -2.288  1.859   1.00 0.00 ? 17 DG B C4     1 
ATOM 532 H "H5'"  . DG B 1 7  ? 5.741   2.510   5.055   1.00 0.00 ? 17 DG B "H5'"  1 
ATOM 533 H "H5''" . DG B 1 7  ? 6.434   2.221   6.658   1.00 0.00 ? 17 DG B "H5''" 1 
ATOM 534 H "H4'"  . DG B 1 7  ? 4.863   0.428   6.002   1.00 0.00 ? 17 DG B "H4'"  1 
ATOM 535 H "H3'"  . DG B 1 7  ? 7.612   -0.037  6.872   1.00 0.00 ? 17 DG B "H3'"  1 
ATOM 536 H "H2'"  . DG B 1 7  ? 8.246   -1.019  4.902   1.00 0.00 ? 17 DG B "H2'"  1 
ATOM 537 H "H2''" . DG B 1 7  ? 7.503   -2.472  5.616   1.00 0.00 ? 17 DG B "H2''" 1 
ATOM 538 H "H1'"  . DG B 1 7  ? 5.401   -2.036  4.543   1.00 0.00 ? 17 DG B "H1'"  1 
ATOM 539 H H8     . DG B 1 7  ? 8.685   -1.039  2.752   1.00 0.00 ? 17 DG B H8     1 
ATOM 540 H H1     . DG B 1 7  ? 4.387   -3.861  -1.111  1.00 0.00 ? 17 DG B H1     1 
ATOM 541 H H21    . DG B 1 7  ? 2.419   -4.019  -0.076  1.00 0.00 ? 17 DG B H21    1 
ATOM 542 H H22    . DG B 1 7  ? 2.231   -3.596  1.616   1.00 0.00 ? 17 DG B H22    1 
ATOM 543 P P      . DA B 1 8  ? 5.665   -0.688  8.768   1.00 0.00 ? 18 DA B P      1 
ATOM 544 O OP1    . DA B 1 8  ? 5.101   0.666   8.571   1.00 0.00 ? 18 DA B OP1    1 
ATOM 545 O OP2    . DA B 1 8  ? 6.824   -0.878  9.668   1.00 0.00 ? 18 DA B OP2    1 
ATOM 546 O "O5'"  . DA B 1 8  ? 4.482   -1.668  9.254   1.00 0.00 ? 18 DA B "O5'"  1 
ATOM 547 C "C5'"  . DA B 1 8  ? 3.380   -1.199  10.012  1.00 0.00 ? 18 DA B "C5'"  1 
ATOM 548 C "C4'"  . DA B 1 8  ? 2.435   -2.361  10.356  1.00 0.00 ? 18 DA B "C4'"  1 
ATOM 549 O "O4'"  . DA B 1 8  ? 1.969   -2.957  9.151   1.00 0.00 ? 18 DA B "O4'"  1 
ATOM 550 C "C3'"  . DA B 1 8  ? 3.136   -3.444  11.193  1.00 0.00 ? 18 DA B "C3'"  1 
ATOM 551 O "O3'"  . DA B 1 8  ? 2.250   -3.956  12.182  1.00 0.00 ? 18 DA B "O3'"  1 
ATOM 552 C "C2'"  . DA B 1 8  ? 3.471   -4.482  10.123  1.00 0.00 ? 18 DA B "C2'"  1 
ATOM 553 C "C1'"  . DA B 1 8  ? 2.314   -4.328  9.137   1.00 0.00 ? 18 DA B "C1'"  1 
ATOM 554 N N9     . DA B 1 8  ? 2.702   -4.762  7.775   1.00 0.00 ? 18 DA B N9     1 
ATOM 555 C C8     . DA B 1 8  ? 3.640   -4.207  6.941   1.00 0.00 ? 18 DA B C8     1 
ATOM 556 N N7     . DA B 1 8  ? 3.789   -4.828  5.806   1.00 0.00 ? 18 DA B N7     1 
ATOM 557 C C5     . DA B 1 8  ? 2.887   -5.883  5.885   1.00 0.00 ? 18 DA B C5     1 
ATOM 558 C C6     . DA B 1 8  ? 2.535   -6.947  5.012   1.00 0.00 ? 18 DA B C6     1 
ATOM 559 N N6     . DA B 1 8  ? 3.094   -7.151  3.819   1.00 0.00 ? 18 DA B N6     1 
ATOM 560 N N1     . DA B 1 8  ? 1.590   -7.831  5.399   1.00 0.00 ? 18 DA B N1     1 
ATOM 561 C C2     . DA B 1 8  ? 1.017   -7.680  6.595   1.00 0.00 ? 18 DA B C2     1 
ATOM 562 N N3     . DA B 1 8  ? 1.256   -6.731  7.503   1.00 0.00 ? 18 DA B N3     1 
ATOM 563 C C4     . DA B 1 8  ? 2.215   -5.849  7.088   1.00 0.00 ? 18 DA B C4     1 
ATOM 564 H "H5'"  . DA B 1 8  ? 2.831   -0.450  9.437   1.00 0.00 ? 18 DA B "H5'"  1 
ATOM 565 H "H5''" . DA B 1 8  ? 3.733   -0.739  10.937  1.00 0.00 ? 18 DA B "H5''" 1 
ATOM 566 H "H4'"  . DA B 1 8  ? 1.584   -1.950  10.903  1.00 0.00 ? 18 DA B "H4'"  1 
ATOM 567 H "H3'"  . DA B 1 8  ? 4.032   -3.042  11.673  1.00 0.00 ? 18 DA B "H3'"  1 
ATOM 568 H "H2'"  . DA B 1 8  ? 4.420   -4.219  9.651   1.00 0.00 ? 18 DA B "H2'"  1 
ATOM 569 H "H2''" . DA B 1 8  ? 3.526   -5.494  10.513  1.00 0.00 ? 18 DA B "H2''" 1 
ATOM 570 H "H1'"  . DA B 1 8  ? 1.450   -4.890  9.485   1.00 0.00 ? 18 DA B "H1'"  1 
ATOM 571 H H8     . DA B 1 8  ? 4.210   -3.333  7.213   1.00 0.00 ? 18 DA B H8     1 
ATOM 572 H H61    . DA B 1 8  ? 2.793   -7.944  3.273   1.00 0.00 ? 18 DA B H61    1 
ATOM 573 H H62    . DA B 1 8  ? 3.818   -6.535  3.470   1.00 0.00 ? 18 DA B H62    1 
ATOM 574 H H2     . DA B 1 8  ? 0.264   -8.409  6.849   1.00 0.00 ? 18 DA B H2     1 
ATOM 575 P P      . DG B 1 9  ? 2.728   -4.998  13.331  1.00 0.00 ? 19 DG B P      1 
ATOM 576 O OP1    . DG B 1 9  ? 1.787   -4.886  14.467  1.00 0.00 ? 19 DG B OP1    1 
ATOM 577 O OP2    . DG B 1 9  ? 4.179   -4.814  13.561  1.00 0.00 ? 19 DG B OP2    1 
ATOM 578 O "O5'"  . DG B 1 9  ? 2.513   -6.442  12.641  1.00 0.00 ? 19 DG B "O5'"  1 
ATOM 579 C "C5'"  . DG B 1 9  ? 1.218   -6.977  12.426  1.00 0.00 ? 19 DG B "C5'"  1 
ATOM 580 C "C4'"  . DG B 1 9  ? 1.270   -8.229  11.539  1.00 0.00 ? 19 DG B "C4'"  1 
ATOM 581 O "O4'"  . DG B 1 9  ? 1.952   -7.946  10.319  1.00 0.00 ? 19 DG B "O4'"  1 
ATOM 582 C "C3'"  . DG B 1 9  ? 1.973   -9.428  12.203  1.00 0.00 ? 19 DG B "C3'"  1 
ATOM 583 O "O3'"  . DG B 1 9  ? 1.236   -10.612 11.914  1.00 0.00 ? 19 DG B "O3'"  1 
ATOM 584 C "C2'"  . DG B 1 9  ? 3.329   -9.400  11.502  1.00 0.00 ? 19 DG B "C2'"  1 
ATOM 585 C "C1'"  . DG B 1 9  ? 2.924   -8.950  10.097  1.00 0.00 ? 19 DG B "C1'"  1 
ATOM 586 N N9     . DG B 1 9  ? 4.057   -8.428  9.294   1.00 0.00 ? 19 DG B N9     1 
ATOM 587 C C8     . DG B 1 9  ? 5.055   -7.566  9.676   1.00 0.00 ? 19 DG B C8     1 
ATOM 588 N N7     . DG B 1 9  ? 5.871   -7.224  8.719   1.00 0.00 ? 19 DG B N7     1 
ATOM 589 C C5     . DG B 1 9  ? 5.402   -7.929  7.615   1.00 0.00 ? 19 DG B C5     1 
ATOM 590 C C6     . DG B 1 9  ? 5.910   -8.004  6.274   1.00 0.00 ? 19 DG B C6     1 
ATOM 591 O O6     . DG B 1 9  ? 6.867   -7.405  5.795   1.00 0.00 ? 19 DG B O6     1 
ATOM 592 N N1     . DG B 1 9  ? 5.199   -8.892  5.465   1.00 0.00 ? 19 DG B N1     1 
ATOM 593 C C2     . DG B 1 9  ? 4.120   -9.636  5.903   1.00 0.00 ? 19 DG B C2     1 
ATOM 594 N N2     . DG B 1 9  ? 3.546   -10.444 5.016   1.00 0.00 ? 19 DG B N2     1 
ATOM 595 N N3     . DG B 1 9  ? 3.635   -9.568  7.158   1.00 0.00 ? 19 DG B N3     1 
ATOM 596 C C4     . DG B 1 9  ? 4.313   -8.698  7.967   1.00 0.00 ? 19 DG B C4     1 
ATOM 597 H "H5'"  . DG B 1 9  ? 0.578   -6.238  11.940  1.00 0.00 ? 19 DG B "H5'"  1 
ATOM 598 H "H5''" . DG B 1 9  ? 0.765   -7.234  13.384  1.00 0.00 ? 19 DG B "H5''" 1 
ATOM 599 H "H4'"  . DG B 1 9  ? 0.236   -8.487  11.311  1.00 0.00 ? 19 DG B "H4'"  1 
ATOM 600 H "H3'"  . DG B 1 9  ? 2.075   -9.300  13.282  1.00 0.00 ? 19 DG B "H3'"  1 
ATOM 601 H "H2'"  . DG B 1 9  ? 3.960   -8.656  11.990  1.00 0.00 ? 19 DG B "H2'"  1 
ATOM 602 H "H2''" . DG B 1 9  ? 3.834   -10.360 11.511  1.00 0.00 ? 19 DG B "H2''" 1 
ATOM 603 H "H1'"  . DG B 1 9  ? 2.453   -9.785  9.579   1.00 0.00 ? 19 DG B "H1'"  1 
ATOM 604 H H8     . DG B 1 9  ? 5.156   -7.197  10.684  1.00 0.00 ? 19 DG B H8     1 
ATOM 605 H H1     . DG B 1 9  ? 5.509   -8.981  4.506   1.00 0.00 ? 19 DG B H1     1 
ATOM 606 H H21    . DG B 1 9  ? 3.889   -10.479 4.066   1.00 0.00 ? 19 DG B H21    1 
ATOM 607 H H22    . DG B 1 9  ? 2.735   -10.976 5.294   1.00 0.00 ? 19 DG B H22    1 
ATOM 608 P P      . DC B 1 10 ? 1.665   -12.085 12.438  1.00 0.00 ? 20 DC B P      1 
ATOM 609 O OP1    . DC B 1 10 ? 0.450   -12.768 12.934  1.00 0.00 ? 20 DC B OP1    1 
ATOM 610 O OP2    . DC B 1 10 ? 2.847   -11.957 13.318  1.00 0.00 ? 20 DC B OP2    1 
ATOM 611 O "O5'"  . DC B 1 10 ? 2.133   -12.814 11.072  1.00 0.00 ? 20 DC B "O5'"  1 
ATOM 612 C "C5'"  . DC B 1 10 ? 1.194   -13.230 10.090  1.00 0.00 ? 20 DC B "C5'"  1 
ATOM 613 C "C4'"  . DC B 1 10 ? 1.909   -13.749 8.832   1.00 0.00 ? 20 DC B "C4'"  1 
ATOM 614 O "O4'"  . DC B 1 10 ? 2.815   -12.768 8.340   1.00 0.00 ? 20 DC B "O4'"  1 
ATOM 615 C "C3'"  . DC B 1 10 ? 2.711   -15.040 9.083   1.00 0.00 ? 20 DC B "C3'"  1 
ATOM 616 O "O3'"  . DC B 1 10 ? 2.453   -15.998 8.075   1.00 0.00 ? 20 DC B "O3'"  1 
ATOM 617 C "C2'"  . DC B 1 10 ? 4.159   -14.569 8.980   1.00 0.00 ? 20 DC B "C2'"  1 
ATOM 618 C "C1'"  . DC B 1 10 ? 4.027   -13.410 7.988   1.00 0.00 ? 20 DC B "C1'"  1 
ATOM 619 N N1     . DC B 1 10 ? 5.174   -12.454 8.042   1.00 0.00 ? 20 DC B N1     1 
ATOM 620 C C2     . DC B 1 10 ? 5.897   -12.183 6.871   1.00 0.00 ? 20 DC B C2     1 
ATOM 621 O O2     . DC B 1 10 ? 5.632   -12.740 5.809   1.00 0.00 ? 20 DC B O2     1 
ATOM 622 N N3     . DC B 1 10 ? 6.915   -11.272 6.917   1.00 0.00 ? 20 DC B N3     1 
ATOM 623 C C4     . DC B 1 10 ? 7.229   -10.645 8.061   1.00 0.00 ? 20 DC B C4     1 
ATOM 624 N N4     . DC B 1 10 ? 8.210   -9.745  8.035   1.00 0.00 ? 20 DC B N4     1 
ATOM 625 C C5     . DC B 1 10 ? 6.514   -10.906 9.281   1.00 0.00 ? 20 DC B C5     1 
ATOM 626 C C6     . DC B 1 10 ? 5.502   -11.810 9.219   1.00 0.00 ? 20 DC B C6     1 
ATOM 627 H "H5'"  . DC B 1 10 ? 0.540   -12.404 9.805   1.00 0.00 ? 20 DC B "H5'"  1 
ATOM 628 H "H5''" . DC B 1 10 ? 0.568   -14.029 10.493  1.00 0.00 ? 20 DC B "H5''" 1 
ATOM 629 H "H4'"  . DC B 1 10 ? 1.145   -13.930 8.071   1.00 0.00 ? 20 DC B "H4'"  1 
ATOM 630 H "H3'"  . DC B 1 10 ? 2.502   -15.488 10.056  1.00 0.00 ? 20 DC B "H3'"  1 
ATOM 631 H "HO3'" . DC B 1 10 ? 2.656   -15.608 7.222   1.00 0.00 ? 20 DC B "HO3'" 1 
ATOM 632 H "H2'"  . DC B 1 10 ? 4.481   -14.225 9.964   1.00 0.00 ? 20 DC B "H2'"  1 
ATOM 633 H "H2''" . DC B 1 10 ? 4.835   -15.348 8.623   1.00 0.00 ? 20 DC B "H2''" 1 
ATOM 634 H "H1'"  . DC B 1 10 ? 3.886   -13.841 6.995   1.00 0.00 ? 20 DC B "H1'"  1 
ATOM 635 H H41    . DC B 1 10 ? 8.692   -9.579  7.164   1.00 0.00 ? 20 DC B H41    1 
ATOM 636 H H42    . DC B 1 10 ? 8.441   -9.224  8.866   1.00 0.00 ? 20 DC B H42    1 
ATOM 637 H H5     . DC B 1 10 ? 6.746   -10.419 10.217  1.00 0.00 ? 20 DC B H5     1 
ATOM 638 H H6     . DC B 1 10 ? 4.949   -12.035 10.118  1.00 0.00 ? 20 DC B H6     1 
# 
